data_8VDS
#
_entry.id   8VDS
#
_cell.length_a   64.725
_cell.length_b   115.889
_cell.length_c   126.206
_cell.angle_alpha   90.00
_cell.angle_beta   90.00
_cell.angle_gamma   90.00
#
_symmetry.space_group_name_H-M   'P 21 21 21'
#
loop_
_entity.id
_entity.type
_entity.pdbx_description
1 polymer 'DNA ligase 1'
2 polymer "DNA/RNA (5'-D(*GP*CP*TP*GP*AP*TP*GP*CP*GP*T)-R(P*G)-D(P*GP*TP*CP*GP*GP*AP*C)-3')"
3 polymer "DNA (5'-D(*GP*TP*CP*CP*GP*AP*CP*CP*AP*CP*GP*CP*AP*TP*CP*AP*GP*C)-3')"
4 water water
#
loop_
_entity_poly.entity_id
_entity_poly.type
_entity_poly.pdbx_seq_one_letter_code
_entity_poly.pdbx_strand_id
1 'polypeptide(L)'
;LDPSGYNPAKNNYHPVEDACWKPGQKVPYLAVARTFEKIEEVSARLRMVETLSNLLRSVVALSPPDLLPVLYLSLNHLGP
PQQGLALGVGDGVLLKAVAQATGRQLESVRAEAAEKGDVGLVAENSRSTQRLMLPPPPLTASGVFSKFRDIARLTGSAST
AKKIDIIKGLFVACRHSEARFIARSLSGRLRLGLAEQSVLAALSQAVSLTPPGQEFPPAMVDAGKGKTAEARKTWLEEQG
MILKQTFCEVPDLDRIIPVLLEHGLERLPEHCKLSPGIPLKPMLAHPTRGISEVLKRFEEAAFTCEYKYDGQRAQIHALE
GGEVKIFSRNQADNTGKYPDIISRIPKIKLPSVTSFILDTEAVAWDREKKQIQPFQVLTTRKRKEVDASEIQVQVCLYAF
DLIYLNGESLVREPLSRRRQLLRENFVETEGEFVFATSLDTKDIEQIAEFLEQSVKDSCEGLMVKTLDVDATYEIAKRSH
NWLKLKKDYLDGVGDTLDLVVIGAYLGRGKRAGRYGGFLLASYDEDSEELQAICKLGTGFSDEELEEHHQSLKALVLPSP
RPYVRIDGAVIPDHWLDPSAVWEVKCADLSLSPIYPAARGLVDSDKGISLRFPRFIRVREDKQPEQATTSAQVACLYRKQ
SQIQNQQGEDSGSDPEDT
;
A
2 'polydeoxyribonucleotide/polyribonucleotide hybrid' (DG)(DC)(DT)(DG)(DA)(DT)(DG)(DC)(DG)(DT)(DG)(DG)(DT)(DC)(DG)(DG)(DA)(DC) B
3 'polydeoxyribonucleotide' (DG)(DT)(DC)(DC)(DG)(DA)(DC)(DC)(DA)(DC)(DG)(DC)(DA)(DT)(DC)(DA)(DG)(DC) C
#
# COMPACT_ATOMS: atom_id res chain seq x y z
N LEU A 1 -38.19 3.95 -2.04
CA LEU A 1 -38.99 4.02 -3.25
C LEU A 1 -38.11 4.15 -4.49
N ASP A 2 -37.60 5.36 -4.73
CA ASP A 2 -36.76 5.62 -5.90
C ASP A 2 -35.31 5.77 -5.47
N PRO A 3 -34.44 4.80 -5.77
CA PRO A 3 -33.04 4.91 -5.37
C PRO A 3 -32.22 5.86 -6.23
N SER A 4 -32.79 6.39 -7.32
CA SER A 4 -32.05 7.32 -8.16
CA SER A 4 -32.05 7.33 -8.16
C SER A 4 -31.86 8.67 -7.47
N GLY A 5 -32.77 9.02 -6.55
CA GLY A 5 -32.66 10.28 -5.83
C GLY A 5 -32.23 10.08 -4.39
N TYR A 6 -31.57 8.97 -4.10
CA TYR A 6 -31.09 8.69 -2.76
C TYR A 6 -29.98 9.66 -2.40
N ASN A 7 -30.16 10.40 -1.29
CA ASN A 7 -29.23 11.44 -0.87
C ASN A 7 -28.74 11.14 0.54
N PRO A 8 -27.66 10.36 0.67
CA PRO A 8 -27.10 10.09 2.00
C PRO A 8 -26.38 11.28 2.62
N ALA A 9 -26.29 12.41 1.90
CA ALA A 9 -25.65 13.61 2.40
C ALA A 9 -26.68 14.69 2.73
N LYS A 10 -27.79 14.28 3.35
CA LYS A 10 -28.87 15.19 3.71
C LYS A 10 -28.82 15.51 5.20
N ASN A 11 -29.05 16.77 5.53
CA ASN A 11 -29.08 17.19 6.93
C ASN A 11 -30.15 16.42 7.69
N ASN A 12 -29.88 16.17 8.97
CA ASN A 12 -30.66 15.31 9.85
C ASN A 12 -31.18 14.08 9.08
N TYR A 13 -30.21 13.28 8.61
CA TYR A 13 -30.53 12.08 7.85
C TYR A 13 -31.21 11.06 8.76
N HIS A 14 -32.42 10.66 8.38
CA HIS A 14 -33.14 9.63 9.12
C HIS A 14 -32.83 8.27 8.51
N PRO A 15 -32.29 7.32 9.28
CA PRO A 15 -31.85 6.05 8.67
C PRO A 15 -32.97 5.25 8.03
N VAL A 16 -34.14 5.20 8.66
CA VAL A 16 -35.23 4.37 8.13
C VAL A 16 -36.01 5.11 7.05
N GLU A 17 -36.19 6.42 7.22
CA GLU A 17 -37.01 7.19 6.28
C GLU A 17 -36.24 7.55 5.01
N ASP A 18 -35.11 8.25 5.18
CA ASP A 18 -34.35 8.75 4.04
C ASP A 18 -33.71 7.64 3.21
N ALA A 19 -33.84 6.39 3.61
CA ALA A 19 -33.33 5.28 2.81
C ALA A 19 -34.17 5.12 1.54
N CYS A 20 -33.72 4.23 0.66
CA CYS A 20 -34.38 4.01 -0.61
C CYS A 20 -34.69 2.53 -0.87
N TRP A 21 -34.79 1.73 0.18
CA TRP A 21 -35.16 0.33 0.04
C TRP A 21 -35.90 -0.13 1.29
N LYS A 22 -36.90 -0.97 1.10
CA LYS A 22 -37.71 -1.45 2.21
C LYS A 22 -36.90 -2.41 3.08
N PRO A 23 -37.25 -2.54 4.36
CA PRO A 23 -36.51 -3.46 5.24
C PRO A 23 -36.66 -4.90 4.79
N GLY A 24 -35.62 -5.69 5.08
CA GLY A 24 -35.60 -7.08 4.67
C GLY A 24 -35.11 -7.26 3.25
N GLN A 25 -35.31 -6.25 2.41
CA GLN A 25 -34.86 -6.30 1.04
C GLN A 25 -33.36 -6.04 0.95
N LYS A 26 -32.76 -6.49 -0.15
CA LYS A 26 -31.33 -6.32 -0.34
C LYS A 26 -31.00 -4.87 -0.69
N VAL A 27 -29.82 -4.43 -0.29
CA VAL A 27 -29.35 -3.07 -0.58
C VAL A 27 -29.07 -2.97 -2.08
N PRO A 28 -29.72 -2.06 -2.80
CA PRO A 28 -29.40 -1.88 -4.21
C PRO A 28 -28.06 -1.19 -4.40
N TYR A 29 -27.36 -1.57 -5.47
CA TYR A 29 -26.06 -0.98 -5.75
C TYR A 29 -26.15 0.49 -6.12
N LEU A 30 -27.31 0.95 -6.61
CA LEU A 30 -27.47 2.37 -6.90
C LEU A 30 -27.36 3.21 -5.64
N ALA A 31 -27.83 2.69 -4.51
CA ALA A 31 -27.66 3.40 -3.24
C ALA A 31 -26.18 3.54 -2.90
N VAL A 32 -25.40 2.48 -3.13
CA VAL A 32 -23.96 2.57 -2.91
C VAL A 32 -23.31 3.49 -3.94
N ALA A 33 -23.82 3.49 -5.17
CA ALA A 33 -23.24 4.33 -6.21
C ALA A 33 -23.56 5.80 -5.98
N ARG A 34 -24.81 6.11 -5.61
CA ARG A 34 -25.17 7.49 -5.33
C ARG A 34 -24.39 8.04 -4.13
N THR A 35 -24.05 7.18 -3.18
CA THR A 35 -23.25 7.62 -2.04
C THR A 35 -21.81 7.89 -2.43
N PHE A 36 -21.25 7.05 -3.32
CA PHE A 36 -19.94 7.33 -3.87
C PHE A 36 -19.92 8.67 -4.58
N GLU A 37 -21.02 9.02 -5.26
CA GLU A 37 -21.13 10.33 -5.89
C GLU A 37 -21.06 11.44 -4.85
N LYS A 38 -21.79 11.28 -3.73
CA LYS A 38 -21.79 12.28 -2.68
C LYS A 38 -20.45 12.37 -1.95
N ILE A 39 -19.66 11.30 -1.98
CA ILE A 39 -18.37 11.31 -1.30
C ILE A 39 -17.28 11.94 -2.16
N GLU A 40 -17.22 11.60 -3.45
CA GLU A 40 -16.25 12.22 -4.34
C GLU A 40 -16.60 13.66 -4.67
N GLU A 41 -17.83 14.10 -4.39
CA GLU A 41 -18.23 15.47 -4.67
C GLU A 41 -17.55 16.46 -3.73
N VAL A 42 -17.25 16.03 -2.50
CA VAL A 42 -16.69 16.90 -1.48
C VAL A 42 -15.22 16.53 -1.26
N SER A 43 -14.53 17.38 -0.50
CA SER A 43 -13.12 17.17 -0.17
C SER A 43 -12.85 17.20 1.33
N ALA A 44 -13.89 17.30 2.15
CA ALA A 44 -13.75 17.29 3.59
C ALA A 44 -13.93 15.87 4.10
N ARG A 45 -12.89 15.34 4.75
CA ARG A 45 -12.95 13.96 5.25
C ARG A 45 -14.08 13.78 6.26
N LEU A 46 -14.28 14.78 7.13
CA LEU A 46 -15.38 14.70 8.08
C LEU A 46 -16.74 14.72 7.38
N ARG A 47 -16.80 15.25 6.15
CA ARG A 47 -18.04 15.23 5.39
C ARG A 47 -18.25 13.89 4.70
N MET A 48 -17.18 13.30 4.16
CA MET A 48 -17.31 11.98 3.54
C MET A 48 -17.66 10.92 4.58
N VAL A 49 -17.04 10.98 5.75
CA VAL A 49 -17.28 9.98 6.79
C VAL A 49 -18.75 10.01 7.20
N GLU A 50 -19.34 11.20 7.31
CA GLU A 50 -20.74 11.31 7.71
C GLU A 50 -21.66 10.78 6.61
N THR A 51 -21.32 11.04 5.34
CA THR A 51 -22.14 10.55 4.24
C THR A 51 -22.10 9.03 4.18
N LEU A 52 -20.91 8.44 4.29
CA LEU A 52 -20.80 6.98 4.28
C LEU A 52 -21.46 6.38 5.52
N SER A 53 -21.35 7.06 6.66
CA SER A 53 -21.99 6.57 7.88
C SER A 53 -23.51 6.58 7.75
N ASN A 54 -24.07 7.51 6.98
CA ASN A 54 -25.51 7.56 6.78
C ASN A 54 -26.01 6.34 6.03
N LEU A 55 -25.22 5.85 5.06
CA LEU A 55 -25.56 4.59 4.41
C LEU A 55 -25.44 3.43 5.39
N LEU A 56 -24.32 3.35 6.12
CA LEU A 56 -24.10 2.22 7.01
C LEU A 56 -25.17 2.16 8.10
N ARG A 57 -25.65 3.32 8.55
CA ARG A 57 -26.73 3.33 9.54
C ARG A 57 -27.99 2.69 8.97
N SER A 58 -28.35 3.05 7.73
CA SER A 58 -29.52 2.44 7.11
C SER A 58 -29.32 0.96 6.85
N VAL A 59 -28.07 0.52 6.72
CA VAL A 59 -27.80 -0.88 6.43
C VAL A 59 -28.00 -1.75 7.67
N VAL A 60 -27.42 -1.34 8.80
CA VAL A 60 -27.54 -2.15 10.02
C VAL A 60 -28.97 -2.24 10.51
N ALA A 61 -29.85 -1.34 10.06
CA ALA A 61 -31.24 -1.33 10.50
C ALA A 61 -32.17 -2.05 9.51
N LEU A 62 -31.97 -1.85 8.21
CA LEU A 62 -32.87 -2.42 7.22
C LEU A 62 -32.39 -3.79 6.72
N SER A 63 -31.11 -3.90 6.35
CA SER A 63 -30.53 -5.14 5.84
C SER A 63 -29.21 -5.41 6.55
N PRO A 64 -29.26 -5.94 7.76
CA PRO A 64 -28.02 -6.22 8.52
C PRO A 64 -27.06 -7.13 7.76
N PRO A 65 -27.52 -8.22 7.12
CA PRO A 65 -26.54 -9.11 6.47
C PRO A 65 -25.74 -8.45 5.36
N ASP A 66 -26.29 -7.42 4.71
CA ASP A 66 -25.60 -6.75 3.61
C ASP A 66 -24.51 -5.80 4.09
N LEU A 67 -24.18 -5.81 5.39
CA LEU A 67 -23.19 -4.87 5.90
C LEU A 67 -21.79 -5.20 5.41
N LEU A 68 -21.42 -6.49 5.45
CA LEU A 68 -20.09 -6.88 5.00
C LEU A 68 -19.84 -6.56 3.53
N PRO A 69 -20.72 -6.86 2.57
CA PRO A 69 -20.44 -6.48 1.19
C PRO A 69 -20.37 -4.98 0.97
N VAL A 70 -21.14 -4.19 1.74
CA VAL A 70 -21.06 -2.74 1.59
C VAL A 70 -19.70 -2.22 2.04
N LEU A 71 -19.19 -2.74 3.15
CA LEU A 71 -17.88 -2.31 3.63
C LEU A 71 -16.78 -2.71 2.66
N TYR A 72 -16.85 -3.92 2.10
CA TYR A 72 -15.82 -4.37 1.17
C TYR A 72 -15.90 -3.62 -0.15
N LEU A 73 -17.12 -3.35 -0.63
CA LEU A 73 -17.26 -2.55 -1.84
C LEU A 73 -16.74 -1.13 -1.63
N SER A 74 -16.95 -0.58 -0.43
CA SER A 74 -16.44 0.76 -0.14
C SER A 74 -14.91 0.75 -0.06
N LEU A 75 -14.33 -0.32 0.47
CA LEU A 75 -12.88 -0.46 0.52
C LEU A 75 -12.28 -0.91 -0.80
N ASN A 76 -13.11 -1.34 -1.75
CA ASN A 76 -12.64 -1.93 -3.01
C ASN A 76 -11.72 -3.11 -2.74
N HIS A 77 -12.13 -3.96 -1.81
CA HIS A 77 -11.46 -5.21 -1.49
C HIS A 77 -12.39 -6.37 -1.76
N LEU A 78 -11.83 -7.58 -1.74
CA LEU A 78 -12.59 -8.79 -1.97
C LEU A 78 -12.72 -9.68 -0.73
N GLY A 79 -11.96 -9.38 0.33
CA GLY A 79 -12.01 -10.16 1.54
C GLY A 79 -10.84 -9.87 2.45
N PRO A 80 -10.58 -10.76 3.40
CA PRO A 80 -9.44 -10.57 4.29
C PRO A 80 -8.14 -10.63 3.52
N PRO A 81 -7.12 -9.88 3.95
CA PRO A 81 -5.86 -9.83 3.18
C PRO A 81 -5.19 -11.18 3.04
N GLN A 82 -5.28 -12.06 4.03
CA GLN A 82 -4.63 -13.36 3.96
C GLN A 82 -5.35 -14.32 3.03
N GLN A 83 -6.55 -13.98 2.55
CA GLN A 83 -7.23 -14.83 1.58
C GLN A 83 -6.49 -14.88 0.25
N GLY A 84 -5.86 -13.77 -0.14
CA GLY A 84 -5.10 -13.73 -1.38
C GLY A 84 -5.92 -13.56 -2.65
N LEU A 85 -7.21 -13.22 -2.52
CA LEU A 85 -8.07 -13.08 -3.69
C LEU A 85 -7.67 -11.84 -4.48
N ALA A 86 -7.36 -12.02 -5.76
CA ALA A 86 -7.00 -10.93 -6.65
C ALA A 86 -7.86 -11.00 -7.91
N LEU A 87 -8.22 -9.82 -8.42
CA LEU A 87 -9.16 -9.76 -9.55
C LEU A 87 -8.59 -10.45 -10.79
N GLY A 88 -7.30 -10.27 -11.04
CA GLY A 88 -6.73 -10.76 -12.29
C GLY A 88 -7.31 -10.08 -13.51
N VAL A 89 -7.71 -8.82 -13.39
CA VAL A 89 -8.35 -8.07 -14.46
C VAL A 89 -7.47 -6.86 -14.75
N GLY A 90 -6.80 -6.89 -15.90
CA GLY A 90 -5.98 -5.76 -16.31
C GLY A 90 -6.81 -4.67 -16.95
N ASP A 91 -6.12 -3.61 -17.36
CA ASP A 91 -6.78 -2.52 -18.07
C ASP A 91 -7.23 -2.98 -19.45
N GLY A 92 -6.37 -3.70 -20.17
CA GLY A 92 -6.75 -4.19 -21.48
C GLY A 92 -7.95 -5.11 -21.44
N VAL A 93 -8.07 -5.93 -20.40
CA VAL A 93 -9.23 -6.78 -20.24
C VAL A 93 -10.47 -5.93 -19.97
N LEU A 94 -10.35 -4.92 -19.10
CA LEU A 94 -11.48 -4.06 -18.78
C LEU A 94 -11.91 -3.24 -19.99
N LEU A 95 -10.96 -2.65 -20.70
CA LEU A 95 -11.28 -1.92 -21.92
C LEU A 95 -11.86 -2.85 -22.98
N LYS A 96 -11.41 -4.12 -23.01
CA LYS A 96 -11.98 -5.07 -23.95
C LYS A 96 -13.45 -5.32 -23.65
N ALA A 97 -13.80 -5.43 -22.37
CA ALA A 97 -15.21 -5.64 -22.00
C ALA A 97 -16.04 -4.37 -22.16
N VAL A 98 -15.42 -3.19 -22.01
CA VAL A 98 -16.15 -1.94 -22.14
C VAL A 98 -16.59 -1.74 -23.59
N ALA A 99 -15.64 -1.81 -24.52
CA ALA A 99 -15.98 -1.67 -25.94
C ALA A 99 -16.88 -2.80 -26.40
N GLN A 100 -16.73 -3.99 -25.80
CA GLN A 100 -17.61 -5.10 -26.15
C GLN A 100 -19.04 -4.85 -25.69
N ALA A 101 -19.21 -4.27 -24.49
CA ALA A 101 -20.54 -4.07 -23.95
C ALA A 101 -21.26 -2.93 -24.66
N THR A 102 -20.57 -1.80 -24.86
CA THR A 102 -21.18 -0.63 -25.48
C THR A 102 -21.07 -0.64 -27.01
N GLY A 103 -20.47 -1.68 -27.59
CA GLY A 103 -20.36 -1.77 -29.03
C GLY A 103 -19.47 -0.70 -29.64
N ARG A 104 -18.20 -0.69 -29.26
CA ARG A 104 -17.23 0.27 -29.78
C ARG A 104 -15.96 -0.47 -30.16
N GLN A 105 -15.09 0.22 -30.89
CA GLN A 105 -13.82 -0.36 -31.30
C GLN A 105 -12.81 -0.30 -30.16
N LEU A 106 -11.95 -1.32 -30.09
CA LEU A 106 -10.95 -1.37 -29.02
C LEU A 106 -9.98 -0.20 -29.13
N GLU A 107 -9.53 0.12 -30.34
CA GLU A 107 -8.67 1.27 -30.53
C GLU A 107 -9.39 2.58 -30.21
N SER A 108 -10.72 2.59 -30.27
CA SER A 108 -11.48 3.80 -29.94
C SER A 108 -11.53 4.03 -28.44
N VAL A 109 -11.71 2.97 -27.65
CA VAL A 109 -11.80 3.12 -26.20
C VAL A 109 -10.43 3.11 -25.54
N ARG A 110 -9.45 2.38 -26.10
CA ARG A 110 -8.11 2.36 -25.52
C ARG A 110 -7.46 3.73 -25.62
N ALA A 111 -7.64 4.42 -26.75
CA ALA A 111 -7.15 5.78 -26.87
C ALA A 111 -8.03 6.76 -26.10
N GLU A 112 -9.30 6.41 -25.89
CA GLU A 112 -10.20 7.23 -25.09
C GLU A 112 -9.71 7.30 -23.65
N ALA A 113 -9.91 6.22 -22.90
CA ALA A 113 -9.58 6.19 -21.47
C ALA A 113 -8.16 6.66 -21.17
N ALA A 114 -7.26 6.55 -22.15
CA ALA A 114 -5.90 7.06 -21.95
C ALA A 114 -5.89 8.57 -21.85
N GLU A 115 -6.70 9.25 -22.67
CA GLU A 115 -6.78 10.71 -22.61
C GLU A 115 -7.55 11.19 -21.40
N LYS A 116 -8.51 10.40 -20.91
CA LYS A 116 -9.31 10.81 -19.76
C LYS A 116 -8.61 10.50 -18.45
N GLY A 117 -7.82 9.43 -18.40
CA GLY A 117 -7.22 8.99 -17.17
C GLY A 117 -8.15 8.26 -16.23
N ASP A 118 -9.37 7.95 -16.69
CA ASP A 118 -10.36 7.28 -15.86
C ASP A 118 -11.27 6.45 -16.75
N VAL A 119 -11.33 5.15 -16.50
CA VAL A 119 -12.17 4.26 -17.31
C VAL A 119 -13.65 4.39 -16.96
N GLY A 120 -13.98 4.89 -15.76
CA GLY A 120 -15.37 5.01 -15.38
C GLY A 120 -16.14 6.00 -16.23
N LEU A 121 -15.46 7.05 -16.69
CA LEU A 121 -16.13 8.04 -17.53
C LEU A 121 -16.42 7.48 -18.93
N VAL A 122 -15.57 6.58 -19.42
CA VAL A 122 -15.78 6.02 -20.76
C VAL A 122 -16.91 5.01 -20.75
N ALA A 123 -17.03 4.22 -19.67
CA ALA A 123 -18.02 3.17 -19.63
C ALA A 123 -19.44 3.73 -19.51
N GLU A 124 -19.62 4.78 -18.71
CA GLU A 124 -20.96 5.33 -18.49
C GLU A 124 -21.51 5.93 -19.77
N ASN A 125 -20.70 6.72 -20.48
CA ASN A 125 -21.14 7.38 -21.71
C ASN A 125 -21.48 6.36 -22.80
N LEU A 132 -30.78 -0.20 -25.92
CA LEU A 132 -31.05 -1.23 -26.91
C LEU A 132 -31.72 -2.44 -26.27
N MET A 133 -31.06 -3.03 -25.28
CA MET A 133 -31.60 -4.20 -24.61
C MET A 133 -32.70 -3.79 -23.63
N LEU A 134 -33.58 -4.75 -23.35
CA LEU A 134 -34.63 -4.53 -22.37
C LEU A 134 -34.02 -4.35 -20.99
N PRO A 135 -34.59 -3.50 -20.15
CA PRO A 135 -33.98 -3.19 -18.85
C PRO A 135 -33.87 -4.44 -17.99
N PRO A 136 -32.67 -4.84 -17.61
CA PRO A 136 -32.50 -5.99 -16.71
C PRO A 136 -32.90 -5.63 -15.30
N PRO A 137 -33.05 -6.62 -14.41
CA PRO A 137 -33.34 -6.30 -13.02
C PRO A 137 -32.23 -5.47 -12.42
N PRO A 138 -32.55 -4.62 -11.44
CA PRO A 138 -31.54 -3.73 -10.87
C PRO A 138 -30.42 -4.51 -10.18
N LEU A 139 -29.26 -3.87 -10.07
CA LEU A 139 -28.09 -4.51 -9.50
C LEU A 139 -28.13 -4.39 -7.98
N THR A 140 -27.90 -5.52 -7.31
CA THR A 140 -27.84 -5.56 -5.86
C THR A 140 -26.39 -5.42 -5.38
N ALA A 141 -26.23 -4.85 -4.19
CA ALA A 141 -24.89 -4.62 -3.66
C ALA A 141 -24.19 -5.93 -3.33
N SER A 142 -24.90 -6.86 -2.67
CA SER A 142 -24.30 -8.14 -2.33
CA SER A 142 -24.30 -8.14 -2.33
C SER A 142 -24.03 -8.97 -3.59
N GLY A 143 -24.93 -8.90 -4.57
CA GLY A 143 -24.72 -9.65 -5.80
C GLY A 143 -23.56 -9.12 -6.62
N VAL A 144 -23.42 -7.79 -6.67
CA VAL A 144 -22.29 -7.20 -7.37
C VAL A 144 -20.98 -7.59 -6.70
N PHE A 145 -20.96 -7.56 -5.36
CA PHE A 145 -19.77 -8.01 -4.63
C PHE A 145 -19.51 -9.49 -4.86
N SER A 146 -20.57 -10.29 -4.97
CA SER A 146 -20.41 -11.72 -5.22
C SER A 146 -19.91 -11.97 -6.65
N LYS A 147 -20.19 -11.05 -7.57
CA LYS A 147 -19.67 -11.16 -8.92
C LYS A 147 -18.20 -10.77 -8.99
N PHE A 148 -17.77 -9.81 -8.16
CA PHE A 148 -16.35 -9.47 -8.09
C PHE A 148 -15.52 -10.65 -7.61
N ARG A 149 -16.02 -11.36 -6.58
CA ARG A 149 -15.33 -12.55 -6.10
C ARG A 149 -15.35 -13.65 -7.14
N ASP A 150 -16.46 -13.77 -7.88
CA ASP A 150 -16.54 -14.77 -8.94
C ASP A 150 -15.49 -14.51 -10.02
N ILE A 151 -15.28 -13.23 -10.35
CA ILE A 151 -14.25 -12.88 -11.33
C ILE A 151 -12.87 -13.24 -10.80
N ALA A 152 -12.62 -12.97 -9.52
CA ALA A 152 -11.28 -13.18 -8.98
C ALA A 152 -10.95 -14.67 -8.84
N ARG A 153 -11.96 -15.53 -8.68
CA ARG A 153 -11.73 -16.95 -8.51
C ARG A 153 -11.45 -17.68 -9.82
N LEU A 154 -11.67 -17.02 -10.96
CA LEU A 154 -11.47 -17.66 -12.25
C LEU A 154 -9.98 -17.77 -12.56
N THR A 155 -9.54 -18.96 -12.93
CA THR A 155 -8.15 -19.23 -13.24
C THR A 155 -8.07 -20.23 -14.38
N GLY A 156 -6.85 -20.43 -14.89
CA GLY A 156 -6.61 -21.39 -15.94
C GLY A 156 -6.76 -20.82 -17.33
N SER A 157 -6.72 -21.73 -18.30
CA SER A 157 -6.87 -21.35 -19.70
C SER A 157 -8.30 -20.92 -19.99
N ALA A 158 -8.43 -19.95 -20.88
CA ALA A 158 -9.71 -19.36 -21.28
C ALA A 158 -10.46 -18.73 -20.10
N SER A 159 -9.75 -18.45 -19.00
CA SER A 159 -10.39 -17.81 -17.86
C SER A 159 -10.59 -16.31 -18.08
N THR A 160 -9.65 -15.66 -18.79
CA THR A 160 -9.81 -14.24 -19.09
C THR A 160 -11.09 -13.99 -19.87
N ALA A 161 -11.37 -14.83 -20.86
CA ALA A 161 -12.63 -14.74 -21.59
C ALA A 161 -13.82 -14.85 -20.63
N LYS A 162 -13.78 -15.86 -19.74
CA LYS A 162 -14.86 -16.06 -18.79
C LYS A 162 -15.05 -14.85 -17.88
N LYS A 163 -13.98 -14.12 -17.57
CA LYS A 163 -14.10 -12.93 -16.75
C LYS A 163 -14.81 -11.81 -17.50
N ILE A 164 -14.74 -11.82 -18.84
CA ILE A 164 -15.29 -10.71 -19.61
C ILE A 164 -16.81 -10.78 -19.67
N ASP A 165 -17.37 -11.99 -19.73
CA ASP A 165 -18.83 -12.12 -19.71
C ASP A 165 -19.42 -11.60 -18.41
N ILE A 166 -18.75 -11.85 -17.29
CA ILE A 166 -19.25 -11.37 -16.00
C ILE A 166 -19.20 -9.85 -15.96
N ILE A 167 -18.09 -9.26 -16.40
CA ILE A 167 -17.97 -7.80 -16.45
C ILE A 167 -19.02 -7.24 -17.40
N LYS A 168 -19.22 -7.90 -18.55
CA LYS A 168 -20.24 -7.45 -19.49
C LYS A 168 -21.63 -7.53 -18.88
N GLY A 169 -21.88 -8.56 -18.07
CA GLY A 169 -23.19 -8.71 -17.45
C GLY A 169 -23.53 -7.58 -16.50
N LEU A 170 -22.52 -7.04 -15.81
CA LEU A 170 -22.77 -5.91 -14.92
C LEU A 170 -23.00 -4.62 -15.70
N PHE A 171 -22.26 -4.44 -16.79
CA PHE A 171 -22.38 -3.20 -17.56
C PHE A 171 -23.73 -3.08 -18.25
N VAL A 172 -24.30 -4.20 -18.71
CA VAL A 172 -25.62 -4.16 -19.32
C VAL A 172 -26.73 -4.02 -18.29
N ALA A 173 -26.44 -4.23 -17.02
CA ALA A 173 -27.40 -4.05 -15.94
C ALA A 173 -27.17 -2.75 -15.17
N CYS A 174 -26.13 -2.01 -15.50
CA CYS A 174 -25.82 -0.77 -14.79
C CYS A 174 -26.75 0.35 -15.26
N ARG A 175 -27.36 1.04 -14.31
CA ARG A 175 -28.23 2.18 -14.60
C ARG A 175 -27.64 3.44 -13.98
N HIS A 176 -27.92 4.57 -14.62
CA HIS A 176 -27.51 5.89 -14.14
C HIS A 176 -25.99 5.99 -13.99
N SER A 177 -25.50 5.86 -12.75
CA SER A 177 -24.10 6.08 -12.44
C SER A 177 -23.35 4.82 -12.02
N GLU A 178 -23.99 3.65 -12.10
CA GLU A 178 -23.34 2.43 -11.62
C GLU A 178 -22.20 2.00 -12.53
N ALA A 179 -22.27 2.35 -13.82
CA ALA A 179 -21.21 1.95 -14.75
C ALA A 179 -19.90 2.69 -14.46
N ARG A 180 -19.98 3.90 -13.90
CA ARG A 180 -18.76 4.65 -13.60
C ARG A 180 -17.98 3.99 -12.48
N PHE A 181 -18.67 3.46 -11.47
CA PHE A 181 -18.00 2.94 -10.28
C PHE A 181 -17.68 1.45 -10.39
N ILE A 182 -18.42 0.70 -11.20
CA ILE A 182 -18.07 -0.69 -11.45
C ILE A 182 -16.71 -0.77 -12.15
N ALA A 183 -16.55 0.04 -13.20
CA ALA A 183 -15.29 0.04 -13.93
C ALA A 183 -14.14 0.58 -13.08
N ARG A 184 -14.41 1.58 -12.23
CA ARG A 184 -13.38 2.11 -11.36
C ARG A 184 -12.93 1.08 -10.34
N SER A 185 -13.88 0.30 -9.79
CA SER A 185 -13.52 -0.75 -8.85
C SER A 185 -12.75 -1.86 -9.55
N LEU A 186 -13.22 -2.30 -10.72
CA LEU A 186 -12.55 -3.38 -11.43
C LEU A 186 -11.14 -2.98 -11.85
N SER A 187 -10.89 -1.69 -12.01
CA SER A 187 -9.58 -1.20 -12.39
C SER A 187 -8.72 -0.81 -11.19
N GLY A 188 -9.20 -1.05 -9.97
CA GLY A 188 -8.43 -0.75 -8.77
C GLY A 188 -8.20 0.72 -8.48
N ARG A 189 -8.94 1.62 -9.12
CA ARG A 189 -8.79 3.06 -8.92
C ARG A 189 -10.18 3.65 -8.64
N LEU A 190 -10.66 3.46 -7.41
CA LEU A 190 -11.95 4.01 -7.02
C LEU A 190 -11.91 5.54 -6.96
N ARG A 191 -10.82 6.08 -6.44
CA ARG A 191 -10.59 7.53 -6.37
C ARG A 191 -11.73 8.24 -5.65
N LEU A 192 -11.96 7.85 -4.40
CA LEU A 192 -13.01 8.43 -3.59
C LEU A 192 -12.50 9.44 -2.56
N GLY A 193 -11.19 9.50 -2.34
CA GLY A 193 -10.69 10.24 -1.21
C GLY A 193 -11.06 9.63 0.12
N LEU A 194 -11.40 8.35 0.14
CA LEU A 194 -11.88 7.66 1.32
C LEU A 194 -11.33 6.24 1.30
N ALA A 195 -10.62 5.84 2.36
CA ALA A 195 -10.03 4.52 2.41
C ALA A 195 -10.25 3.85 3.76
N GLU A 196 -9.28 3.05 4.20
CA GLU A 196 -9.48 2.18 5.36
C GLU A 196 -9.71 2.99 6.64
N GLN A 197 -8.95 4.07 6.83
CA GLN A 197 -9.09 4.84 8.06
C GLN A 197 -10.44 5.54 8.14
N SER A 198 -10.94 6.06 7.02
CA SER A 198 -12.23 6.72 7.03
C SER A 198 -13.40 5.73 7.03
N VAL A 199 -13.22 4.55 6.41
CA VAL A 199 -14.23 3.52 6.47
C VAL A 199 -14.43 3.05 7.91
N LEU A 200 -13.34 2.88 8.65
CA LEU A 200 -13.43 2.47 10.05
C LEU A 200 -14.16 3.52 10.89
N ALA A 201 -13.83 4.80 10.68
CA ALA A 201 -14.49 5.86 11.43
C ALA A 201 -15.96 5.95 11.07
N ALA A 202 -16.30 5.75 9.80
CA ALA A 202 -17.70 5.81 9.38
C ALA A 202 -18.48 4.61 9.90
N LEU A 203 -17.83 3.46 10.04
CA LEU A 203 -18.53 2.28 10.58
C LEU A 203 -18.66 2.37 12.09
N SER A 204 -17.63 2.87 12.77
CA SER A 204 -17.72 3.05 14.22
C SER A 204 -18.78 4.08 14.58
N GLN A 205 -18.94 5.10 13.75
CA GLN A 205 -19.98 6.11 13.99
C GLN A 205 -21.37 5.53 13.76
N ALA A 206 -21.51 4.64 12.79
CA ALA A 206 -22.83 4.11 12.45
C ALA A 206 -23.35 3.18 13.53
N VAL A 207 -22.50 2.26 14.02
CA VAL A 207 -22.95 1.31 15.03
C VAL A 207 -23.14 1.98 16.39
N SER A 208 -22.58 3.17 16.59
CA SER A 208 -22.81 3.91 17.83
C SER A 208 -24.06 4.77 17.75
N LEU A 209 -24.31 5.41 16.61
CA LEU A 209 -25.51 6.22 16.46
C LEU A 209 -26.76 5.34 16.32
N THR A 210 -26.66 4.27 15.53
CA THR A 210 -27.74 3.30 15.35
C THR A 210 -27.22 1.94 15.79
N PRO A 211 -27.35 1.60 17.07
CA PRO A 211 -26.86 0.30 17.55
C PRO A 211 -27.55 -0.84 16.83
N PRO A 212 -26.78 -1.86 16.40
CA PRO A 212 -27.40 -3.01 15.73
C PRO A 212 -28.06 -3.97 16.71
N GLY A 213 -28.52 -5.12 16.22
CA GLY A 213 -29.23 -6.06 17.07
C GLY A 213 -30.47 -5.45 17.68
N GLN A 214 -31.24 -4.72 16.89
CA GLN A 214 -32.37 -3.92 17.37
C GLN A 214 -33.57 -4.20 16.49
N GLU A 215 -34.57 -4.88 17.05
CA GLU A 215 -35.70 -5.33 16.26
C GLU A 215 -36.50 -4.18 15.68
N PHE A 216 -36.96 -4.35 14.44
CA PHE A 216 -37.83 -3.36 13.82
C PHE A 216 -39.11 -3.24 14.63
N PRO A 217 -39.52 -2.02 15.04
CA PRO A 217 -38.94 -0.72 14.70
C PRO A 217 -37.71 -0.37 15.52
N PRO A 218 -36.69 0.18 14.86
CA PRO A 218 -35.48 0.61 15.59
C PRO A 218 -35.79 1.65 16.65
N ALA A 219 -35.60 1.28 17.92
CA ALA A 219 -35.93 2.18 19.01
C ALA A 219 -34.96 3.34 19.10
N MET A 220 -33.72 3.15 18.67
CA MET A 220 -32.67 4.18 18.75
C MET A 220 -32.07 4.37 17.36
N VAL A 221 -32.54 5.40 16.65
CA VAL A 221 -31.99 5.72 15.33
C VAL A 221 -30.90 6.78 15.42
N ASP A 222 -30.87 7.58 16.48
CA ASP A 222 -29.83 8.60 16.69
C ASP A 222 -29.52 8.63 18.17
N ALA A 223 -28.47 7.91 18.58
CA ALA A 223 -28.04 7.88 19.98
C ALA A 223 -27.34 9.14 20.42
N GLY A 224 -27.12 10.10 19.52
CA GLY A 224 -26.49 11.35 19.88
C GLY A 224 -27.47 12.50 19.97
N LYS A 225 -28.75 12.17 20.16
CA LYS A 225 -29.78 13.20 20.25
C LYS A 225 -29.67 13.99 21.55
N GLY A 226 -29.57 13.29 22.68
CA GLY A 226 -29.47 13.94 23.97
C GLY A 226 -28.05 14.14 24.43
N LYS A 227 -27.25 14.88 23.66
CA LYS A 227 -25.86 15.12 24.00
C LYS A 227 -25.47 16.50 23.52
N THR A 228 -24.55 17.13 24.25
CA THR A 228 -23.96 18.38 23.79
C THR A 228 -23.07 18.12 22.58
N ALA A 229 -22.78 19.18 21.83
CA ALA A 229 -21.94 19.05 20.64
C ALA A 229 -20.55 18.55 21.01
N GLU A 230 -19.99 19.05 22.12
CA GLU A 230 -18.71 18.55 22.58
C GLU A 230 -18.82 17.14 23.15
N ALA A 231 -19.95 16.84 23.81
CA ALA A 231 -20.14 15.51 24.38
C ALA A 231 -20.28 14.45 23.31
N ARG A 232 -20.84 14.80 22.14
CA ARG A 232 -21.00 13.83 21.08
C ARG A 232 -19.69 13.58 20.33
N LYS A 233 -18.94 14.64 20.03
CA LYS A 233 -17.67 14.47 19.35
C LYS A 233 -16.67 13.70 20.21
N THR A 234 -16.75 13.85 21.54
CA THR A 234 -15.89 13.08 22.43
C THR A 234 -16.35 11.64 22.51
N TRP A 235 -17.67 11.40 22.51
CA TRP A 235 -18.18 10.04 22.60
C TRP A 235 -17.90 9.26 21.34
N LEU A 236 -18.02 9.90 20.17
CA LEU A 236 -17.73 9.23 18.92
C LEU A 236 -16.24 8.99 18.73
N GLU A 237 -15.39 9.78 19.38
CA GLU A 237 -13.94 9.59 19.24
C GLU A 237 -13.45 8.40 20.07
N GLU A 238 -13.93 8.28 21.32
CA GLU A 238 -13.54 7.13 22.13
C GLU A 238 -14.11 5.83 21.56
N GLN A 239 -15.33 5.90 21.01
CA GLN A 239 -15.90 4.73 20.33
C GLN A 239 -15.09 4.36 19.10
N GLY A 240 -14.53 5.35 18.40
CA GLY A 240 -13.75 5.06 17.21
C GLY A 240 -12.44 4.37 17.51
N MET A 241 -11.81 4.74 18.64
CA MET A 241 -10.53 4.13 18.99
C MET A 241 -10.70 2.69 19.45
N ILE A 242 -11.88 2.34 19.96
CA ILE A 242 -12.15 0.94 20.31
C ILE A 242 -12.13 0.07 19.06
N LEU A 243 -12.78 0.55 17.99
CA LEU A 243 -12.80 -0.21 16.74
C LEU A 243 -11.44 -0.16 16.04
N LYS A 244 -10.75 0.97 16.14
CA LYS A 244 -9.46 1.10 15.45
C LYS A 244 -8.41 0.17 16.06
N GLN A 245 -8.32 0.14 17.39
CA GLN A 245 -7.33 -0.71 18.03
C GLN A 245 -7.65 -2.19 17.82
N THR A 246 -8.93 -2.55 17.84
CA THR A 246 -9.31 -3.94 17.59
C THR A 246 -8.98 -4.34 16.16
N PHE A 247 -9.30 -3.48 15.19
CA PHE A 247 -8.96 -3.77 13.80
C PHE A 247 -7.46 -3.80 13.57
N CYS A 248 -6.68 -3.16 14.44
CA CYS A 248 -5.23 -3.20 14.30
C CYS A 248 -4.66 -4.53 14.75
N GLU A 249 -5.30 -5.19 15.72
CA GLU A 249 -4.88 -6.54 16.11
C GLU A 249 -5.55 -7.61 15.27
N VAL A 250 -6.72 -7.33 14.72
CA VAL A 250 -7.36 -8.23 13.76
C VAL A 250 -7.84 -7.38 12.60
N PRO A 251 -7.03 -7.25 11.53
CA PRO A 251 -7.48 -6.54 10.33
C PRO A 251 -8.32 -7.44 9.41
N ASP A 252 -9.39 -7.98 9.98
CA ASP A 252 -10.27 -8.91 9.29
C ASP A 252 -11.70 -8.48 9.51
N LEU A 253 -12.38 -8.11 8.43
CA LEU A 253 -13.78 -7.71 8.54
C LEU A 253 -14.71 -8.91 8.64
N ASP A 254 -14.31 -10.06 8.09
CA ASP A 254 -15.13 -11.26 8.19
C ASP A 254 -15.20 -11.79 9.61
N ARG A 255 -14.31 -11.35 10.49
CA ARG A 255 -14.32 -11.74 11.90
C ARG A 255 -14.90 -10.67 12.81
N ILE A 256 -14.68 -9.40 12.49
CA ILE A 256 -15.11 -8.32 13.38
C ILE A 256 -16.59 -8.04 13.23
N ILE A 257 -17.08 -7.92 11.98
CA ILE A 257 -18.47 -7.53 11.76
C ILE A 257 -19.46 -8.52 12.36
N PRO A 258 -19.30 -9.84 12.22
CA PRO A 258 -20.25 -10.75 12.88
C PRO A 258 -20.24 -10.61 14.40
N VAL A 259 -19.07 -10.40 15.00
CA VAL A 259 -19.01 -10.20 16.44
C VAL A 259 -19.52 -8.82 16.82
N LEU A 260 -19.18 -7.81 16.02
CA LEU A 260 -19.65 -6.46 16.30
C LEU A 260 -21.18 -6.37 16.21
N LEU A 261 -21.78 -7.14 15.30
CA LEU A 261 -23.24 -7.11 15.16
C LEU A 261 -23.93 -7.76 16.34
N GLU A 262 -23.28 -8.73 17.00
CA GLU A 262 -23.90 -9.48 18.07
C GLU A 262 -23.53 -8.97 19.46
N HIS A 263 -22.40 -8.28 19.62
CA HIS A 263 -21.94 -7.86 20.93
C HIS A 263 -21.72 -6.36 21.04
N GLY A 264 -21.97 -5.60 19.98
CA GLY A 264 -21.79 -4.16 20.03
C GLY A 264 -20.33 -3.76 19.96
N LEU A 265 -20.13 -2.43 19.89
CA LEU A 265 -18.78 -1.89 19.78
C LEU A 265 -18.03 -2.00 21.10
N GLU A 266 -18.71 -1.75 22.22
CA GLU A 266 -18.04 -1.68 23.51
C GLU A 266 -17.46 -3.04 23.92
N ARG A 267 -18.18 -4.12 23.63
CA ARG A 267 -17.74 -5.45 24.01
C ARG A 267 -16.91 -6.14 22.94
N LEU A 268 -16.60 -5.45 21.84
CA LEU A 268 -15.81 -6.07 20.78
C LEU A 268 -14.41 -6.50 21.22
N PRO A 269 -13.65 -5.72 22.00
CA PRO A 269 -12.30 -6.18 22.39
C PRO A 269 -12.33 -7.45 23.23
N GLU A 270 -13.43 -7.73 23.93
CA GLU A 270 -13.48 -8.91 24.78
C GLU A 270 -13.57 -10.22 23.99
N HIS A 271 -13.69 -10.15 22.66
CA HIS A 271 -13.87 -11.38 21.88
C HIS A 271 -12.98 -11.37 20.64
N CYS A 272 -12.68 -10.18 20.11
CA CYS A 272 -11.78 -10.04 18.99
C CYS A 272 -10.43 -9.58 19.53
N LYS A 273 -9.61 -10.56 19.94
CA LYS A 273 -8.33 -10.29 20.57
C LYS A 273 -7.19 -10.78 19.69
N LEU A 274 -6.02 -10.18 19.89
CA LEU A 274 -4.83 -10.59 19.16
C LEU A 274 -4.41 -11.99 19.60
N SER A 275 -4.22 -12.87 18.62
CA SER A 275 -3.80 -14.23 18.87
C SER A 275 -2.86 -14.66 17.74
N PRO A 276 -1.93 -15.57 18.03
CA PRO A 276 -1.08 -16.10 16.95
C PRO A 276 -1.91 -16.81 15.90
N GLY A 277 -1.45 -16.72 14.65
CA GLY A 277 -2.16 -17.26 13.52
C GLY A 277 -3.04 -16.27 12.81
N ILE A 278 -3.56 -15.28 13.52
CA ILE A 278 -4.31 -14.17 12.93
C ILE A 278 -3.35 -13.01 12.76
N PRO A 279 -3.16 -12.50 11.53
CA PRO A 279 -2.17 -11.44 11.33
C PRO A 279 -2.58 -10.15 12.02
N LEU A 280 -1.58 -9.28 12.23
CA LEU A 280 -1.79 -7.98 12.83
C LEU A 280 -1.07 -6.94 11.99
N LYS A 281 -1.61 -5.72 11.99
CA LYS A 281 -1.01 -4.64 11.21
C LYS A 281 0.31 -4.23 11.83
N PRO A 282 1.41 -4.24 11.06
CA PRO A 282 2.72 -3.98 11.65
C PRO A 282 2.93 -2.51 11.98
N MET A 283 3.92 -2.27 12.85
CA MET A 283 4.31 -0.92 13.24
C MET A 283 5.10 -0.27 12.12
N LEU A 284 4.65 0.89 11.67
CA LEU A 284 5.31 1.63 10.60
C LEU A 284 6.21 2.72 11.18
N ALA A 285 7.05 3.30 10.32
CA ALA A 285 8.01 4.31 10.73
C ALA A 285 7.85 5.55 9.87
N HIS A 286 8.05 6.72 10.50
CA HIS A 286 7.88 8.01 9.83
C HIS A 286 9.25 8.56 9.43
N PRO A 287 9.40 9.02 8.18
CA PRO A 287 10.70 9.59 7.78
C PRO A 287 10.93 10.95 8.43
N THR A 288 12.17 11.19 8.82
CA THR A 288 12.55 12.45 9.46
C THR A 288 13.78 13.02 8.77
N ARG A 289 13.92 14.34 8.88
CA ARG A 289 14.94 15.07 8.14
C ARG A 289 16.35 14.68 8.55
N GLY A 290 16.79 15.14 9.72
CA GLY A 290 18.14 14.85 10.18
C GLY A 290 18.19 14.43 11.64
N ILE A 291 19.39 14.43 12.21
CA ILE A 291 19.56 14.02 13.61
C ILE A 291 18.95 15.03 14.57
N SER A 292 18.67 16.25 14.11
CA SER A 292 18.10 17.26 14.97
C SER A 292 16.60 17.06 15.16
N GLU A 293 15.89 16.68 14.09
CA GLU A 293 14.47 16.37 14.21
C GLU A 293 14.23 15.11 15.02
N VAL A 294 15.23 14.25 15.16
CA VAL A 294 15.09 13.07 16.01
C VAL A 294 15.09 13.47 17.47
N LEU A 295 16.16 14.14 17.91
CA LEU A 295 16.28 14.57 19.30
C LEU A 295 15.36 15.73 19.66
N LYS A 296 14.55 16.21 18.72
CA LYS A 296 13.57 17.25 18.99
C LYS A 296 12.18 16.68 19.27
N ARG A 297 11.66 15.86 18.36
CA ARG A 297 10.37 15.22 18.61
C ARG A 297 10.47 14.21 19.75
N PHE A 298 11.64 13.60 19.94
CA PHE A 298 11.86 12.60 20.98
C PHE A 298 12.81 13.13 22.04
N GLU A 299 12.65 14.40 22.42
CA GLU A 299 13.60 15.06 23.32
C GLU A 299 13.47 14.54 24.74
N GLU A 300 12.25 14.49 25.27
CA GLU A 300 12.02 14.07 26.65
C GLU A 300 11.83 12.57 26.78
N ALA A 301 12.58 11.78 26.02
CA ALA A 301 12.46 10.32 26.07
C ALA A 301 13.74 9.70 25.54
N ALA A 302 14.22 8.67 26.22
CA ALA A 302 15.39 7.94 25.78
C ALA A 302 15.01 6.91 24.73
N PHE A 303 15.68 6.94 23.58
CA PHE A 303 15.38 6.06 22.47
C PHE A 303 16.55 5.12 22.20
N THR A 304 16.26 4.04 21.48
CA THR A 304 17.28 3.14 20.96
C THR A 304 17.48 3.40 19.48
N CYS A 305 18.57 2.85 18.95
CA CYS A 305 18.95 3.07 17.55
C CYS A 305 19.37 1.74 16.96
N GLU A 306 18.49 1.13 16.16
CA GLU A 306 18.76 -0.13 15.50
C GLU A 306 18.97 0.09 14.02
N TYR A 307 19.67 -0.85 13.39
CA TYR A 307 19.87 -0.80 11.94
C TYR A 307 18.55 -0.99 11.22
N LYS A 308 18.48 -0.43 10.01
CA LYS A 308 17.34 -0.65 9.11
C LYS A 308 17.84 -1.54 7.98
N TYR A 309 17.32 -2.77 7.94
CA TYR A 309 17.82 -3.78 7.01
C TYR A 309 17.00 -3.80 5.73
N ASP A 310 17.68 -4.03 4.61
CA ASP A 310 17.05 -3.99 3.28
C ASP A 310 16.59 -5.39 2.93
N GLY A 311 15.34 -5.69 3.25
CA GLY A 311 14.76 -6.98 2.95
C GLY A 311 13.25 -6.90 2.93
N GLN A 312 12.61 -7.99 3.34
CA GLN A 312 11.16 -8.09 3.40
CA GLN A 312 11.16 -8.08 3.40
C GLN A 312 10.72 -8.29 4.83
N ARG A 313 9.73 -7.51 5.27
CA ARG A 313 9.20 -7.66 6.62
C ARG A 313 8.46 -8.98 6.75
N ALA A 314 8.71 -9.69 7.84
CA ALA A 314 8.13 -11.02 8.05
C ALA A 314 7.64 -11.13 9.48
N GLN A 315 6.33 -11.32 9.65
CA GLN A 315 5.73 -11.59 10.95
C GLN A 315 5.69 -13.10 11.16
N ILE A 316 6.45 -13.58 12.15
CA ILE A 316 6.57 -15.01 12.42
C ILE A 316 5.62 -15.35 13.57
N HIS A 317 4.50 -15.99 13.24
CA HIS A 317 3.54 -16.46 14.21
C HIS A 317 3.82 -17.92 14.57
N ALA A 318 3.93 -18.21 15.85
CA ALA A 318 4.15 -19.56 16.35
C ALA A 318 2.93 -19.98 17.16
N LEU A 319 2.24 -21.01 16.69
CA LEU A 319 0.99 -21.44 17.29
C LEU A 319 1.23 -22.50 18.34
N GLU A 320 0.39 -22.51 19.37
CA GLU A 320 0.38 -23.61 20.33
C GLU A 320 0.16 -24.92 19.61
N GLY A 321 1.15 -25.80 19.69
CA GLY A 321 1.15 -27.04 18.94
C GLY A 321 2.20 -27.13 17.86
N GLY A 322 3.05 -26.10 17.70
CA GLY A 322 4.12 -26.11 16.74
C GLY A 322 3.79 -25.48 15.40
N GLU A 323 2.51 -25.27 15.10
CA GLU A 323 2.13 -24.66 13.83
C GLU A 323 2.76 -23.29 13.68
N VAL A 324 3.41 -23.07 12.55
CA VAL A 324 4.14 -21.83 12.28
C VAL A 324 3.61 -21.22 11.00
N LYS A 325 3.23 -19.95 11.06
CA LYS A 325 2.76 -19.19 9.91
C LYS A 325 3.51 -17.87 9.84
N ILE A 326 3.94 -17.50 8.64
CA ILE A 326 4.67 -16.26 8.39
C ILE A 326 3.81 -15.37 7.51
N PHE A 327 3.62 -14.12 7.94
CA PHE A 327 2.82 -13.16 7.21
C PHE A 327 3.67 -11.98 6.78
N SER A 328 3.20 -11.28 5.75
CA SER A 328 3.91 -10.13 5.20
C SER A 328 3.41 -8.84 5.84
N ARG A 329 3.94 -7.72 5.35
CA ARG A 329 3.54 -6.42 5.88
C ARG A 329 2.08 -6.12 5.62
N ASN A 330 1.50 -6.70 4.58
CA ASN A 330 0.11 -6.49 4.22
C ASN A 330 -0.78 -7.66 4.63
N GLN A 331 -0.38 -8.40 5.66
CA GLN A 331 -1.17 -9.50 6.21
C GLN A 331 -1.41 -10.60 5.19
N ALA A 332 -0.45 -10.82 4.29
CA ALA A 332 -0.54 -11.88 3.29
C ALA A 332 0.23 -13.10 3.77
N ASP A 333 -0.30 -14.29 3.49
CA ASP A 333 0.31 -15.53 3.94
C ASP A 333 1.57 -15.82 3.15
N ASN A 334 2.71 -15.92 3.85
CA ASN A 334 4.00 -16.21 3.23
CA ASN A 334 4.00 -16.21 3.23
C ASN A 334 4.62 -17.47 3.82
N THR A 335 3.79 -18.39 4.30
CA THR A 335 4.31 -19.62 4.89
C THR A 335 4.92 -20.54 3.83
N GLY A 336 4.22 -20.72 2.70
CA GLY A 336 4.78 -21.45 1.59
C GLY A 336 6.00 -20.81 0.95
N LYS A 337 6.26 -19.52 1.25
CA LYS A 337 7.45 -18.85 0.73
C LYS A 337 8.70 -19.30 1.47
N TYR A 338 8.59 -19.72 2.72
CA TYR A 338 9.73 -20.01 3.58
C TYR A 338 9.62 -21.39 4.23
N PRO A 339 9.59 -22.48 3.45
CA PRO A 339 9.96 -23.78 4.03
C PRO A 339 11.31 -23.77 4.75
N ASP A 340 12.29 -23.00 4.27
CA ASP A 340 13.59 -22.95 4.93
C ASP A 340 13.50 -22.35 6.33
N ILE A 341 12.48 -21.55 6.61
CA ILE A 341 12.32 -20.94 7.93
C ILE A 341 11.57 -21.88 8.88
N ILE A 342 10.47 -22.47 8.43
CA ILE A 342 9.65 -23.30 9.30
C ILE A 342 10.40 -24.51 9.82
N SER A 343 11.46 -24.93 9.14
CA SER A 343 12.31 -26.01 9.63
C SER A 343 13.33 -25.53 10.64
N ARG A 344 13.61 -24.23 10.71
CA ARG A 344 14.60 -23.66 11.61
C ARG A 344 13.97 -22.96 12.80
N ILE A 345 12.70 -23.21 13.07
CA ILE A 345 11.99 -22.60 14.19
C ILE A 345 12.54 -23.09 15.54
N PRO A 346 12.73 -24.39 15.77
CA PRO A 346 13.22 -24.81 17.10
C PRO A 346 14.61 -24.30 17.43
N LYS A 347 15.43 -23.98 16.45
CA LYS A 347 16.78 -23.50 16.70
C LYS A 347 16.83 -22.05 17.17
N ILE A 348 15.69 -21.37 17.25
CA ILE A 348 15.67 -19.97 17.65
C ILE A 348 14.94 -19.74 18.97
N LYS A 349 14.05 -20.64 19.39
CA LYS A 349 13.27 -20.47 20.61
C LYS A 349 13.76 -21.43 21.68
N LEU A 350 13.76 -20.95 22.93
CA LEU A 350 14.12 -21.78 24.06
C LEU A 350 13.10 -22.92 24.21
N PRO A 351 13.47 -24.00 24.91
CA PRO A 351 12.50 -25.08 25.13
C PRO A 351 11.27 -24.66 25.90
N SER A 352 11.31 -23.52 26.61
CA SER A 352 10.17 -23.04 27.38
C SER A 352 9.20 -22.19 26.55
N VAL A 353 9.55 -21.87 25.31
CA VAL A 353 8.68 -21.06 24.47
C VAL A 353 7.64 -21.95 23.81
N THR A 354 6.37 -21.67 24.08
CA THR A 354 5.26 -22.45 23.52
C THR A 354 4.49 -21.71 22.43
N SER A 355 4.64 -20.40 22.32
CA SER A 355 3.96 -19.61 21.30
C SER A 355 4.57 -18.22 21.27
N PHE A 356 4.72 -17.66 20.07
CA PHE A 356 5.25 -16.30 19.96
C PHE A 356 4.80 -15.68 18.64
N ILE A 357 4.91 -14.36 18.58
CA ILE A 357 4.73 -13.58 17.37
C ILE A 357 5.92 -12.64 17.28
N LEU A 358 6.75 -12.83 16.25
CA LEU A 358 8.00 -12.08 16.11
C LEU A 358 7.90 -11.10 14.96
N ASP A 359 8.45 -9.91 15.17
CA ASP A 359 8.53 -8.87 14.14
C ASP A 359 9.97 -8.80 13.65
N THR A 360 10.25 -9.50 12.56
CA THR A 360 11.60 -9.63 12.01
C THR A 360 11.66 -9.01 10.62
N GLU A 361 12.83 -9.14 10.00
CA GLU A 361 13.04 -8.68 8.63
C GLU A 361 13.90 -9.71 7.91
N ALA A 362 13.37 -10.26 6.82
CA ALA A 362 14.07 -11.29 6.06
C ALA A 362 15.05 -10.64 5.09
N VAL A 363 16.33 -10.97 5.21
CA VAL A 363 17.39 -10.40 4.39
C VAL A 363 18.12 -11.53 3.69
N ALA A 364 18.33 -11.38 2.38
CA ALA A 364 19.08 -12.38 1.62
C ALA A 364 20.50 -12.47 2.14
N TRP A 365 20.96 -13.70 2.37
CA TRP A 365 22.23 -13.96 3.04
C TRP A 365 23.07 -14.91 2.19
N ASP A 366 24.34 -14.54 1.98
CA ASP A 366 25.29 -15.41 1.31
C ASP A 366 26.02 -16.24 2.35
N ARG A 367 26.10 -17.55 2.13
CA ARG A 367 26.72 -18.43 3.11
C ARG A 367 28.23 -18.48 2.97
N GLU A 368 28.72 -18.63 1.73
CA GLU A 368 30.15 -18.76 1.50
C GLU A 368 30.89 -17.48 1.88
N LYS A 369 30.34 -16.33 1.49
CA LYS A 369 30.92 -15.03 1.83
C LYS A 369 30.51 -14.53 3.21
N LYS A 370 29.45 -15.08 3.78
CA LYS A 370 28.95 -14.67 5.10
C LYS A 370 28.64 -13.18 5.13
N GLN A 371 27.94 -12.71 4.11
CA GLN A 371 27.62 -11.28 3.99
C GLN A 371 26.20 -11.12 3.45
N ILE A 372 25.69 -9.90 3.59
CA ILE A 372 24.33 -9.58 3.19
C ILE A 372 24.29 -9.30 1.70
N GLN A 373 23.25 -9.85 1.02
CA GLN A 373 23.02 -9.64 -0.40
C GLN A 373 22.01 -8.53 -0.63
N PRO A 374 22.07 -7.85 -1.78
CA PRO A 374 21.13 -6.75 -2.04
C PRO A 374 19.69 -7.23 -2.11
N PHE A 375 18.78 -6.25 -2.14
CA PHE A 375 17.35 -6.55 -2.13
C PHE A 375 16.92 -7.30 -3.39
N GLN A 376 17.60 -7.06 -4.53
CA GLN A 376 17.24 -7.75 -5.75
C GLN A 376 17.43 -9.26 -5.63
N VAL A 377 18.46 -9.68 -4.89
CA VAL A 377 18.72 -11.10 -4.71
C VAL A 377 17.59 -11.75 -3.89
N LEU A 378 17.06 -11.01 -2.91
CA LEU A 378 15.96 -11.55 -2.12
C LEU A 378 14.70 -11.72 -2.94
N THR A 379 14.45 -10.80 -3.88
CA THR A 379 13.27 -10.88 -4.74
C THR A 379 13.39 -11.97 -5.79
N THR A 380 14.52 -12.68 -5.87
CA THR A 380 14.67 -13.79 -6.79
C THR A 380 14.15 -15.11 -6.20
N ARG A 381 13.71 -15.11 -4.95
CA ARG A 381 13.10 -16.29 -4.37
C ARG A 381 11.75 -16.56 -5.06
N LYS A 382 11.32 -17.81 -5.01
CA LYS A 382 10.28 -18.30 -5.91
C LYS A 382 8.86 -18.14 -5.39
N ARG A 383 8.66 -17.57 -4.20
CA ARG A 383 7.32 -17.44 -3.63
C ARG A 383 6.59 -18.78 -3.65
N LYS A 384 5.29 -18.75 -3.95
CA LYS A 384 4.46 -19.94 -4.25
C LYS A 384 4.62 -20.95 -3.11
N GLU A 385 4.99 -22.20 -3.41
CA GLU A 385 5.18 -23.24 -2.38
C GLU A 385 6.41 -24.07 -2.80
N VAL A 386 7.59 -23.53 -2.53
CA VAL A 386 8.83 -24.20 -2.93
C VAL A 386 9.09 -25.39 -2.03
N ASP A 387 9.93 -26.30 -2.51
CA ASP A 387 10.54 -27.33 -1.69
C ASP A 387 11.83 -26.78 -1.10
N ALA A 388 12.16 -27.24 0.11
CA ALA A 388 13.37 -26.77 0.79
C ALA A 388 14.64 -27.16 0.03
N SER A 389 14.55 -28.12 -0.89
CA SER A 389 15.71 -28.51 -1.67
C SER A 389 15.94 -27.57 -2.86
N GLU A 390 14.85 -27.10 -3.48
CA GLU A 390 14.96 -26.25 -4.66
C GLU A 390 15.29 -24.79 -4.35
N ILE A 391 15.34 -24.41 -3.07
CA ILE A 391 15.70 -23.04 -2.71
C ILE A 391 17.15 -22.78 -3.03
N GLN A 392 17.49 -21.52 -3.31
CA GLN A 392 18.87 -21.16 -3.64
C GLN A 392 19.31 -19.90 -2.92
N VAL A 393 18.42 -18.92 -2.80
CA VAL A 393 18.72 -17.67 -2.11
C VAL A 393 18.42 -17.86 -0.64
N GLN A 394 19.45 -17.83 0.19
CA GLN A 394 19.29 -18.02 1.63
C GLN A 394 18.83 -16.73 2.29
N VAL A 395 18.19 -16.88 3.45
CA VAL A 395 17.65 -15.76 4.20
C VAL A 395 18.15 -15.83 5.64
N CYS A 396 18.34 -14.66 6.23
CA CYS A 396 18.74 -14.54 7.62
C CYS A 396 17.82 -13.55 8.32
N LEU A 397 17.21 -13.98 9.42
CA LEU A 397 16.23 -13.15 10.12
C LEU A 397 16.93 -12.14 11.02
N TYR A 398 16.35 -10.94 11.08
CA TYR A 398 16.82 -9.86 11.95
C TYR A 398 15.63 -9.41 12.79
N ALA A 399 15.40 -10.10 13.90
CA ALA A 399 14.26 -9.77 14.75
C ALA A 399 14.51 -8.48 15.51
N PHE A 400 13.48 -7.65 15.61
CA PHE A 400 13.57 -6.38 16.31
C PHE A 400 12.40 -6.09 17.24
N ASP A 401 11.44 -7.01 17.36
CA ASP A 401 10.32 -6.79 18.26
C ASP A 401 9.65 -8.11 18.60
N LEU A 402 8.95 -8.12 19.72
CA LEU A 402 8.20 -9.27 20.20
C LEU A 402 6.81 -8.80 20.62
N ILE A 403 5.78 -9.46 20.11
CA ILE A 403 4.40 -9.03 20.30
C ILE A 403 3.60 -9.99 21.16
N TYR A 404 3.81 -11.29 21.00
CA TYR A 404 3.05 -12.32 21.72
C TYR A 404 4.02 -13.37 22.25
N LEU A 405 3.80 -13.83 23.48
CA LEU A 405 4.72 -14.78 24.08
C LEU A 405 3.99 -15.63 25.11
N ASN A 406 3.92 -16.94 24.85
CA ASN A 406 3.47 -17.94 25.82
C ASN A 406 2.09 -17.60 26.40
N GLY A 407 1.19 -17.16 25.53
CA GLY A 407 -0.17 -16.87 25.95
C GLY A 407 -0.44 -15.39 26.15
N GLU A 408 0.45 -14.71 26.86
CA GLU A 408 0.27 -13.29 27.14
C GLU A 408 0.64 -12.46 25.92
N SER A 409 -0.10 -11.37 25.73
CA SER A 409 0.14 -10.44 24.64
C SER A 409 0.93 -9.23 25.14
N LEU A 410 1.89 -8.77 24.34
CA LEU A 410 2.84 -7.75 24.76
C LEU A 410 2.62 -6.41 24.07
N VAL A 411 1.39 -6.16 23.58
CA VAL A 411 1.14 -4.93 22.84
C VAL A 411 1.14 -3.73 23.80
N ARG A 412 0.62 -3.91 25.01
CA ARG A 412 0.53 -2.83 25.98
C ARG A 412 1.81 -2.62 26.78
N GLU A 413 2.90 -3.27 26.40
CA GLU A 413 4.15 -3.11 27.15
C GLU A 413 5.11 -2.19 26.40
N PRO A 414 5.96 -1.46 27.13
CA PRO A 414 6.96 -0.62 26.46
C PRO A 414 7.97 -1.47 25.70
N LEU A 415 8.71 -0.80 24.81
CA LEU A 415 9.70 -1.49 24.00
C LEU A 415 10.83 -2.06 24.85
N SER A 416 11.17 -1.38 25.95
CA SER A 416 12.23 -1.87 26.83
C SER A 416 11.86 -3.22 27.44
N ARG A 417 10.57 -3.45 27.72
CA ARG A 417 10.14 -4.73 28.25
C ARG A 417 10.16 -5.81 27.18
N ARG A 418 9.64 -5.49 25.98
CA ARG A 418 9.59 -6.47 24.91
C ARG A 418 10.99 -6.89 24.46
N ARG A 419 11.95 -5.97 24.49
CA ARG A 419 13.31 -6.31 24.10
C ARG A 419 13.98 -7.21 25.13
N GLN A 420 13.58 -7.12 26.40
CA GLN A 420 14.16 -7.97 27.43
C GLN A 420 13.67 -9.42 27.27
N LEU A 421 12.37 -9.60 27.09
CA LEU A 421 11.84 -10.94 26.89
C LEU A 421 12.30 -11.53 25.56
N LEU A 422 12.55 -10.68 24.56
CA LEU A 422 12.97 -11.18 23.26
C LEU A 422 14.40 -11.70 23.30
N ARG A 423 15.27 -11.05 24.09
CA ARG A 423 16.65 -11.50 24.25
C ARG A 423 16.77 -12.67 25.22
N GLU A 424 15.81 -12.84 26.13
CA GLU A 424 15.89 -13.89 27.14
C GLU A 424 15.31 -15.21 26.65
N ASN A 425 14.26 -15.18 25.81
CA ASN A 425 13.59 -16.38 25.36
C ASN A 425 13.95 -16.76 23.92
N PHE A 426 15.02 -16.18 23.37
CA PHE A 426 15.41 -16.50 22.01
C PHE A 426 16.93 -16.47 21.91
N VAL A 427 17.48 -17.36 21.08
CA VAL A 427 18.91 -17.55 20.95
C VAL A 427 19.34 -17.19 19.53
N GLU A 428 20.46 -16.49 19.41
CA GLU A 428 20.95 -16.04 18.13
C GLU A 428 21.74 -17.15 17.42
N THR A 429 21.82 -17.04 16.10
CA THR A 429 22.60 -17.96 15.29
C THR A 429 23.23 -17.16 14.16
N GLU A 430 24.57 -17.17 14.10
CA GLU A 430 25.30 -16.35 13.14
C GLU A 430 24.92 -16.73 11.70
N GLY A 431 24.44 -15.75 10.95
CA GLY A 431 24.00 -15.99 9.59
C GLY A 431 22.67 -16.70 9.48
N GLU A 432 21.82 -16.60 10.49
CA GLU A 432 20.56 -17.34 10.52
C GLU A 432 19.52 -16.58 11.33
N PHE A 433 19.83 -16.32 12.59
CA PHE A 433 19.00 -15.50 13.47
C PHE A 433 19.93 -14.63 14.30
N VAL A 434 19.75 -13.31 14.21
CA VAL A 434 20.56 -12.37 14.97
C VAL A 434 19.74 -11.11 15.20
N PHE A 435 19.83 -10.58 16.42
CA PHE A 435 19.08 -9.38 16.77
C PHE A 435 19.57 -8.20 15.95
N ALA A 436 18.66 -7.26 15.69
CA ALA A 436 19.03 -6.03 14.99
C ALA A 436 20.03 -5.25 15.83
N THR A 437 21.16 -4.89 15.20
CA THR A 437 22.23 -4.18 15.89
C THR A 437 21.70 -2.85 16.44
N SER A 438 21.60 -2.75 17.76
CA SER A 438 21.00 -1.60 18.42
C SER A 438 22.05 -0.83 19.20
N LEU A 439 21.64 0.34 19.69
CA LEU A 439 22.52 1.21 20.47
C LEU A 439 21.72 2.29 21.20
N ASP A 440 21.63 2.19 22.51
CA ASP A 440 20.97 3.21 23.33
C ASP A 440 21.94 4.36 23.51
N THR A 441 21.67 5.49 22.84
CA THR A 441 22.58 6.62 22.84
C THR A 441 21.76 7.90 22.73
N LYS A 442 22.30 8.98 23.31
CA LYS A 442 21.64 10.27 23.28
C LYS A 442 22.44 11.37 22.60
N ASP A 443 23.77 11.31 22.63
CA ASP A 443 24.59 12.35 22.03
C ASP A 443 24.67 12.17 20.51
N ILE A 444 24.87 13.29 19.82
CA ILE A 444 24.80 13.31 18.37
C ILE A 444 26.03 12.70 17.71
N GLU A 445 27.17 12.69 18.40
CA GLU A 445 28.41 12.19 17.78
C GLU A 445 28.29 10.72 17.43
N GLN A 446 27.89 9.88 18.39
CA GLN A 446 27.78 8.46 18.13
C GLN A 446 26.62 8.13 17.20
N ILE A 447 25.58 8.95 17.19
CA ILE A 447 24.44 8.71 16.31
C ILE A 447 24.86 8.87 14.85
N ALA A 448 25.53 9.98 14.52
CA ALA A 448 26.01 10.18 13.16
C ALA A 448 27.05 9.14 12.77
N GLU A 449 27.83 8.65 13.73
CA GLU A 449 28.79 7.59 13.44
C GLU A 449 28.11 6.24 13.27
N PHE A 450 27.07 5.98 14.08
CA PHE A 450 26.33 4.73 13.93
C PHE A 450 25.57 4.71 12.60
N LEU A 451 25.08 5.87 12.16
CA LEU A 451 24.38 5.93 10.87
C LEU A 451 25.31 5.58 9.72
N GLU A 452 26.56 6.07 9.78
CA GLU A 452 27.52 5.72 8.75
C GLU A 452 27.99 4.27 8.88
N GLN A 453 27.96 3.73 10.10
CA GLN A 453 28.35 2.33 10.30
C GLN A 453 27.34 1.38 9.67
N SER A 454 26.06 1.76 9.63
CA SER A 454 25.04 0.90 9.04
C SER A 454 25.27 0.73 7.55
N VAL A 455 25.54 1.84 6.84
CA VAL A 455 25.79 1.75 5.41
C VAL A 455 27.06 0.98 5.14
N LYS A 456 28.08 1.13 5.99
CA LYS A 456 29.29 0.34 5.85
C LYS A 456 29.02 -1.14 6.01
N ASP A 457 28.06 -1.50 6.88
CA ASP A 457 27.64 -2.88 7.04
C ASP A 457 26.48 -3.26 6.13
N SER A 458 26.33 -2.57 5.00
CA SER A 458 25.28 -2.83 4.02
C SER A 458 23.89 -2.79 4.66
N CYS A 459 23.45 -1.56 4.95
CA CYS A 459 22.13 -1.32 5.48
C CYS A 459 21.61 -0.01 4.94
N GLU A 460 20.29 0.17 5.01
CA GLU A 460 19.67 1.39 4.48
C GLU A 460 19.93 2.58 5.39
N GLY A 461 19.69 2.42 6.69
CA GLY A 461 19.90 3.50 7.63
C GLY A 461 19.76 3.06 9.08
N LEU A 462 19.05 3.84 9.88
CA LEU A 462 18.87 3.56 11.29
C LEU A 462 17.41 3.72 11.67
N MET A 463 16.99 2.97 12.69
CA MET A 463 15.66 3.05 13.24
C MET A 463 15.71 3.78 14.58
N VAL A 464 14.69 4.60 14.84
CA VAL A 464 14.60 5.34 16.09
C VAL A 464 13.26 5.00 16.73
N LYS A 465 13.30 4.40 17.92
CA LYS A 465 12.12 4.00 18.65
C LYS A 465 12.32 4.33 20.13
N THR A 466 11.28 4.89 20.75
CA THR A 466 11.35 5.17 22.18
C THR A 466 11.47 3.88 22.98
N LEU A 467 12.05 3.99 24.17
CA LEU A 467 12.22 2.84 25.05
C LEU A 467 11.18 2.76 26.15
N ASP A 468 10.51 3.86 26.48
CA ASP A 468 9.53 3.85 27.56
C ASP A 468 8.37 4.80 27.29
N VAL A 469 8.68 6.07 27.02
CA VAL A 469 7.66 7.09 26.78
C VAL A 469 7.08 6.86 25.38
N ASP A 470 5.80 6.47 25.33
CA ASP A 470 5.12 6.18 24.06
C ASP A 470 5.84 5.06 23.31
N ALA A 471 6.26 4.03 24.03
CA ALA A 471 6.98 2.89 23.47
C ALA A 471 6.10 1.66 23.31
N THR A 472 4.79 1.83 23.23
CA THR A 472 3.87 0.71 23.11
C THR A 472 3.64 0.36 21.65
N TYR A 473 3.10 -0.84 21.43
CA TYR A 473 2.79 -1.33 20.10
C TYR A 473 1.34 -1.08 19.69
N GLU A 474 0.70 -0.07 20.28
CA GLU A 474 -0.66 0.29 19.94
C GLU A 474 -0.61 1.25 18.75
N ILE A 475 -0.72 0.69 17.55
CA ILE A 475 -0.61 1.49 16.33
C ILE A 475 -1.85 2.34 16.07
N ALA A 476 -2.91 2.18 16.87
CA ALA A 476 -4.10 2.99 16.67
C ALA A 476 -3.87 4.43 17.10
N LYS A 477 -3.06 4.65 18.13
CA LYS A 477 -2.78 6.01 18.59
C LYS A 477 -1.83 6.72 17.63
N ARG A 478 -0.63 6.15 17.44
CA ARG A 478 0.37 6.71 16.55
C ARG A 478 0.81 5.61 15.59
N SER A 479 0.32 5.66 14.35
CA SER A 479 0.65 4.65 13.36
C SER A 479 2.08 4.77 12.84
N HIS A 480 2.74 5.89 13.10
CA HIS A 480 4.13 6.11 12.70
C HIS A 480 4.94 6.63 13.88
N ASN A 481 4.89 5.90 14.99
CA ASN A 481 5.64 6.29 16.18
C ASN A 481 7.14 6.07 16.02
N TRP A 482 7.55 5.19 15.11
CA TRP A 482 8.96 4.99 14.82
C TRP A 482 9.44 6.00 13.79
N LEU A 483 10.76 6.18 13.74
CA LEU A 483 11.39 7.17 12.87
C LEU A 483 12.40 6.51 11.95
N LYS A 484 12.37 6.89 10.68
CA LYS A 484 13.35 6.44 9.69
C LYS A 484 14.45 7.47 9.54
N LEU A 485 15.68 6.99 9.36
CA LEU A 485 16.85 7.85 9.14
C LEU A 485 17.74 7.18 8.11
N LYS A 486 17.47 7.47 6.84
CA LYS A 486 18.27 6.96 5.73
C LYS A 486 19.27 8.01 5.27
N LYS A 487 20.22 7.57 4.44
CA LYS A 487 21.25 8.48 3.95
C LYS A 487 20.69 9.44 2.92
N ASP A 488 19.71 9.02 2.13
CA ASP A 488 19.17 9.86 1.08
C ASP A 488 18.25 10.96 1.60
N TYR A 489 17.84 10.90 2.87
CA TYR A 489 16.97 11.95 3.42
C TYR A 489 17.75 13.21 3.75
N LEU A 490 19.02 13.10 4.12
CA LEU A 490 19.80 14.26 4.51
C LEU A 490 20.12 15.12 3.30
N ASP A 491 19.83 16.42 3.41
CA ASP A 491 20.12 17.34 2.33
C ASP A 491 21.63 17.52 2.18
N GLY A 492 22.08 17.66 0.93
CA GLY A 492 23.49 17.81 0.63
C GLY A 492 24.23 16.49 0.43
N VAL A 493 23.63 15.36 0.80
CA VAL A 493 24.23 14.06 0.62
C VAL A 493 23.24 13.16 -0.13
N GLY A 494 23.79 12.15 -0.82
CA GLY A 494 23.00 11.27 -1.62
C GLY A 494 23.33 11.37 -3.09
N ASP A 495 23.21 10.26 -3.81
CA ASP A 495 23.55 10.23 -5.24
C ASP A 495 22.56 11.07 -6.01
N THR A 496 22.93 12.33 -6.27
CA THR A 496 22.13 13.22 -7.10
C THR A 496 22.65 13.15 -8.53
N LEU A 497 21.73 13.03 -9.49
CA LEU A 497 22.08 12.89 -10.90
C LEU A 497 21.38 13.98 -11.70
N ASP A 498 22.08 14.49 -12.71
CA ASP A 498 21.51 15.46 -13.65
C ASP A 498 21.23 14.72 -14.94
N LEU A 499 19.99 14.29 -15.12
CA LEU A 499 19.56 13.52 -16.28
C LEU A 499 18.69 14.38 -17.20
N VAL A 500 18.48 13.89 -18.41
CA VAL A 500 17.73 14.59 -19.43
C VAL A 500 16.40 13.87 -19.66
N VAL A 501 15.35 14.65 -19.89
CA VAL A 501 14.05 14.08 -20.23
C VAL A 501 14.01 13.85 -21.74
N ILE A 502 13.42 12.72 -22.14
CA ILE A 502 13.38 12.33 -23.55
C ILE A 502 11.95 11.95 -23.91
N GLY A 503 11.20 11.47 -22.92
CA GLY A 503 9.83 11.07 -23.13
C GLY A 503 8.98 11.38 -21.92
N ALA A 504 7.67 11.30 -22.10
CA ALA A 504 6.74 11.62 -21.04
C ALA A 504 5.46 10.82 -21.25
N TYR A 505 4.79 10.50 -20.15
CA TYR A 505 3.61 9.64 -20.15
C TYR A 505 2.40 10.42 -19.66
N LEU A 506 1.26 10.16 -20.28
CA LEU A 506 0.03 10.85 -19.91
C LEU A 506 -0.42 10.45 -18.51
N GLY A 507 -0.85 11.44 -17.73
CA GLY A 507 -1.23 11.19 -16.36
C GLY A 507 -2.63 10.64 -16.22
N ARG A 508 -2.88 10.04 -15.05
CA ARG A 508 -4.16 9.43 -14.73
C ARG A 508 -4.63 9.93 -13.37
N GLY A 509 -5.95 9.91 -13.16
CA GLY A 509 -6.54 10.27 -11.90
C GLY A 509 -6.29 11.72 -11.49
N LYS A 510 -5.52 11.91 -10.41
CA LYS A 510 -5.20 13.26 -9.96
C LYS A 510 -4.39 14.02 -10.99
N ARG A 511 -3.57 13.32 -11.79
CA ARG A 511 -2.74 13.94 -12.81
C ARG A 511 -3.35 13.84 -14.20
N ALA A 512 -4.67 13.62 -14.29
CA ALA A 512 -5.34 13.57 -15.57
C ALA A 512 -5.28 14.92 -16.26
N GLY A 513 -5.00 14.90 -17.56
CA GLY A 513 -4.81 16.12 -18.33
C GLY A 513 -3.39 16.61 -18.39
N ARG A 514 -2.52 16.13 -17.51
CA ARG A 514 -1.11 16.49 -17.46
C ARG A 514 -0.26 15.29 -17.87
N TYR A 515 1.04 15.35 -17.55
CA TYR A 515 1.90 14.19 -17.61
C TYR A 515 2.13 13.70 -16.19
N GLY A 516 1.97 12.40 -15.98
CA GLY A 516 2.18 11.81 -14.66
C GLY A 516 3.57 11.27 -14.47
N GLY A 517 4.24 10.93 -15.58
CA GLY A 517 5.58 10.38 -15.52
C GLY A 517 6.43 10.94 -16.64
N PHE A 518 7.74 10.76 -16.47
CA PHE A 518 8.73 11.22 -17.44
C PHE A 518 9.83 10.19 -17.57
N LEU A 519 10.35 10.04 -18.79
CA LEU A 519 11.47 9.15 -19.07
C LEU A 519 12.76 9.94 -19.01
N LEU A 520 13.75 9.42 -18.29
CA LEU A 520 15.02 10.09 -18.07
C LEU A 520 16.16 9.29 -18.69
N ALA A 521 17.18 9.99 -19.16
CA ALA A 521 18.31 9.38 -19.84
C ALA A 521 19.62 9.94 -19.33
N SER A 522 20.66 9.12 -19.43
CA SER A 522 22.03 9.53 -19.17
C SER A 522 22.81 9.55 -20.49
N TYR A 523 23.89 10.33 -20.50
CA TYR A 523 24.65 10.59 -21.73
C TYR A 523 25.80 9.58 -21.84
N ASP A 524 25.70 8.68 -22.80
CA ASP A 524 26.79 7.75 -23.12
C ASP A 524 27.71 8.44 -24.12
N GLU A 525 28.86 8.90 -23.66
CA GLU A 525 29.76 9.68 -24.52
C GLU A 525 30.38 8.82 -25.61
N ASP A 526 30.66 7.55 -25.32
CA ASP A 526 31.31 6.69 -26.30
C ASP A 526 30.41 6.45 -27.51
N SER A 527 29.13 6.18 -27.28
CA SER A 527 28.18 5.98 -28.36
C SER A 527 27.51 7.26 -28.81
N GLU A 528 27.73 8.37 -28.10
CA GLU A 528 27.07 9.65 -28.39
C GLU A 528 25.55 9.49 -28.37
N GLU A 529 25.07 8.65 -27.47
CA GLU A 529 23.65 8.35 -27.36
C GLU A 529 23.12 8.80 -26.00
N LEU A 530 21.80 8.98 -25.94
CA LEU A 530 21.09 9.23 -24.70
C LEU A 530 20.40 7.93 -24.29
N GLN A 531 20.89 7.31 -23.22
CA GLN A 531 20.41 6.01 -22.79
C GLN A 531 19.42 6.18 -21.64
N ALA A 532 18.18 5.76 -21.86
CA ALA A 532 17.15 5.87 -20.84
C ALA A 532 17.57 5.12 -19.58
N ILE A 533 17.40 5.77 -18.44
CA ILE A 533 17.89 5.24 -17.16
C ILE A 533 16.74 4.87 -16.23
N CYS A 534 15.65 5.64 -16.23
CA CYS A 534 14.54 5.36 -15.32
C CYS A 534 13.36 6.25 -15.69
N LYS A 535 12.25 6.05 -15.00
CA LYS A 535 11.07 6.90 -15.09
C LYS A 535 10.94 7.73 -13.82
N LEU A 536 10.23 8.85 -13.92
CA LEU A 536 10.13 9.80 -12.83
C LEU A 536 8.70 10.31 -12.74
N GLY A 537 8.05 10.09 -11.60
CA GLY A 537 6.67 10.50 -11.43
C GLY A 537 6.35 11.07 -10.06
N THR A 538 7.37 11.34 -9.26
CA THR A 538 7.18 11.92 -7.94
C THR A 538 8.26 12.98 -7.68
N GLY A 539 7.95 13.89 -6.76
CA GLY A 539 8.85 14.96 -6.39
C GLY A 539 8.43 16.33 -6.89
N PHE A 540 7.59 16.39 -7.92
CA PHE A 540 7.11 17.66 -8.43
C PHE A 540 6.00 18.21 -7.56
N SER A 541 5.97 19.53 -7.45
CA SER A 541 4.78 20.20 -6.93
C SER A 541 3.77 20.38 -8.05
N ASP A 542 2.49 20.52 -7.65
CA ASP A 542 1.44 20.66 -8.66
C ASP A 542 1.66 21.87 -9.55
N GLU A 543 2.23 22.94 -9.00
CA GLU A 543 2.59 24.09 -9.83
C GLU A 543 3.79 23.77 -10.71
N GLU A 544 4.78 23.06 -10.18
CA GLU A 544 5.94 22.69 -10.97
C GLU A 544 5.55 21.75 -12.11
N LEU A 545 4.57 20.87 -11.87
CA LEU A 545 4.13 19.97 -12.93
C LEU A 545 3.45 20.72 -14.07
N GLU A 546 2.85 21.87 -13.78
CA GLU A 546 2.27 22.67 -14.85
C GLU A 546 3.35 23.42 -15.62
N GLU A 547 4.39 23.90 -14.92
CA GLU A 547 5.52 24.49 -15.62
C GLU A 547 6.19 23.48 -16.53
N HIS A 548 6.13 22.19 -16.18
CA HIS A 548 6.69 21.15 -17.04
C HIS A 548 5.71 20.74 -18.13
N HIS A 549 4.42 20.68 -17.81
CA HIS A 549 3.42 20.27 -18.80
C HIS A 549 3.35 21.26 -19.96
N GLN A 550 3.58 22.55 -19.70
CA GLN A 550 3.46 23.57 -20.73
C GLN A 550 4.76 23.78 -21.49
N SER A 551 5.88 23.93 -20.77
CA SER A 551 7.16 24.17 -21.43
C SER A 551 7.59 22.99 -22.28
N LEU A 552 7.33 21.76 -21.81
CA LEU A 552 7.66 20.57 -22.55
C LEU A 552 6.67 20.27 -23.68
N LYS A 553 5.50 20.92 -23.67
CA LYS A 553 4.53 20.70 -24.73
C LYS A 553 4.96 21.32 -26.05
N ALA A 554 5.88 22.28 -26.03
CA ALA A 554 6.46 22.83 -27.23
C ALA A 554 7.65 22.04 -27.74
N LEU A 555 8.00 20.94 -27.06
CA LEU A 555 9.14 20.11 -27.41
C LEU A 555 8.73 18.72 -27.87
N VAL A 556 7.44 18.49 -28.13
CA VAL A 556 6.97 17.16 -28.49
C VAL A 556 7.40 16.82 -29.90
N LEU A 557 7.93 15.61 -30.08
CA LEU A 557 8.38 15.07 -31.35
C LEU A 557 7.51 13.90 -31.78
N PRO A 558 7.16 13.81 -33.07
CA PRO A 558 6.40 12.64 -33.52
C PRO A 558 7.20 11.36 -33.49
N SER A 559 8.52 11.44 -33.65
CA SER A 559 9.39 10.28 -33.69
C SER A 559 10.57 10.50 -32.74
N PRO A 560 11.11 9.43 -32.16
CA PRO A 560 12.30 9.58 -31.31
C PRO A 560 13.50 10.01 -32.13
N ARG A 561 14.38 10.78 -31.50
CA ARG A 561 15.62 11.19 -32.14
C ARG A 561 16.53 9.97 -32.31
N PRO A 562 17.34 9.95 -33.38
CA PRO A 562 18.14 8.74 -33.65
C PRO A 562 19.16 8.43 -32.57
N TYR A 563 19.63 9.44 -31.82
CA TYR A 563 20.61 9.21 -30.76
C TYR A 563 19.97 8.87 -29.42
N VAL A 564 18.69 8.52 -29.41
CA VAL A 564 17.98 8.08 -28.21
C VAL A 564 17.88 6.56 -28.24
N ARG A 565 18.06 5.93 -27.07
CA ARG A 565 18.07 4.48 -26.97
C ARG A 565 17.38 4.09 -25.66
N ILE A 566 16.21 3.45 -25.75
CA ILE A 566 15.45 3.08 -24.57
C ILE A 566 15.34 1.58 -24.37
N ASP A 567 15.56 0.78 -25.42
CA ASP A 567 15.56 -0.70 -25.34
C ASP A 567 14.21 -1.16 -24.80
N GLY A 568 14.17 -1.98 -23.75
CA GLY A 568 12.92 -2.54 -23.28
C GLY A 568 12.17 -1.66 -22.30
N ALA A 569 12.33 -0.34 -22.43
CA ALA A 569 11.58 0.60 -21.61
C ALA A 569 10.23 0.89 -22.24
N VAL A 570 9.30 1.35 -21.41
CA VAL A 570 7.96 1.67 -21.88
C VAL A 570 8.03 2.83 -22.85
N ILE A 571 7.43 2.65 -24.03
CA ILE A 571 7.40 3.69 -25.06
C ILE A 571 6.69 4.92 -24.50
N PRO A 572 7.34 6.08 -24.51
CA PRO A 572 6.66 7.29 -24.02
C PRO A 572 5.50 7.67 -24.91
N ASP A 573 4.42 8.13 -24.27
CA ASP A 573 3.26 8.60 -25.03
C ASP A 573 3.62 9.81 -25.88
N HIS A 574 4.63 10.58 -25.45
CA HIS A 574 5.12 11.74 -26.19
C HIS A 574 6.63 11.69 -26.24
N TRP A 575 7.19 11.68 -27.45
CA TRP A 575 8.62 11.82 -27.62
C TRP A 575 8.99 13.30 -27.55
N LEU A 576 10.03 13.62 -26.80
CA LEU A 576 10.38 15.00 -26.52
C LEU A 576 11.79 15.31 -27.02
N ASP A 577 11.97 16.52 -27.52
CA ASP A 577 13.28 17.00 -27.93
C ASP A 577 14.19 17.09 -26.71
N PRO A 578 15.28 16.33 -26.68
CA PRO A 578 16.17 16.37 -25.50
C PRO A 578 16.77 17.76 -25.27
N SER A 579 16.23 18.48 -24.30
CA SER A 579 16.68 19.84 -24.03
C SER A 579 16.60 20.17 -22.55
N ALA A 580 15.74 19.47 -21.81
CA ALA A 580 15.55 19.72 -20.39
C ALA A 580 16.46 18.82 -19.57
N VAL A 581 17.20 19.43 -18.64
CA VAL A 581 18.08 18.71 -17.73
C VAL A 581 17.52 18.87 -16.32
N TRP A 582 17.26 17.76 -15.65
CA TRP A 582 16.64 17.76 -14.34
C TRP A 582 17.57 17.12 -13.31
N GLU A 583 17.56 17.65 -12.10
CA GLU A 583 18.29 17.08 -10.98
C GLU A 583 17.40 16.06 -10.28
N VAL A 584 17.89 14.83 -10.15
CA VAL A 584 17.10 13.72 -9.63
C VAL A 584 17.86 13.08 -8.47
N LYS A 585 17.19 12.93 -7.34
CA LYS A 585 17.74 12.25 -6.18
C LYS A 585 17.21 10.82 -6.12
N CYS A 586 18.09 9.88 -5.76
CA CYS A 586 17.72 8.48 -5.69
C CYS A 586 18.35 7.86 -4.45
N ALA A 587 17.85 6.69 -4.09
CA ALA A 587 18.36 5.97 -2.92
C ALA A 587 19.52 5.04 -3.29
N ASP A 588 19.37 4.26 -4.35
CA ASP A 588 20.38 3.29 -4.74
C ASP A 588 20.43 3.17 -6.25
N LEU A 589 21.44 2.46 -6.73
CA LEU A 589 21.58 2.10 -8.14
C LEU A 589 21.35 0.60 -8.28
N SER A 590 20.49 0.22 -9.21
CA SER A 590 20.11 -1.18 -9.38
C SER A 590 20.52 -1.67 -10.76
N LEU A 591 20.82 -2.97 -10.84
CA LEU A 591 21.11 -3.61 -12.12
C LEU A 591 19.81 -3.85 -12.86
N SER A 592 19.58 -3.09 -13.94
CA SER A 592 18.27 -3.12 -14.57
C SER A 592 18.21 -4.20 -15.65
N PRO A 593 17.12 -4.97 -15.69
CA PRO A 593 16.90 -5.91 -16.79
C PRO A 593 16.17 -5.30 -17.98
N ILE A 594 15.81 -4.02 -17.91
CA ILE A 594 14.96 -3.38 -18.91
C ILE A 594 15.69 -2.19 -19.51
N TYR A 595 16.52 -1.49 -18.69
CA TYR A 595 17.09 -0.22 -19.11
C TYR A 595 18.50 -0.41 -19.66
N PRO A 596 18.86 0.40 -20.66
CA PRO A 596 20.19 0.28 -21.29
C PRO A 596 21.26 1.23 -20.77
N ALA A 597 20.99 1.98 -19.70
CA ALA A 597 21.96 2.95 -19.20
C ALA A 597 23.19 2.24 -18.68
N ALA A 598 24.37 2.65 -19.16
CA ALA A 598 25.65 2.06 -18.77
C ALA A 598 25.67 0.56 -19.02
N ARG A 599 25.06 0.13 -20.12
CA ARG A 599 25.01 -1.28 -20.44
C ARG A 599 26.39 -1.78 -20.86
N GLY A 600 26.81 -2.90 -20.26
CA GLY A 600 28.12 -3.46 -20.53
C GLY A 600 29.25 -2.89 -19.70
N LEU A 601 28.99 -1.82 -18.94
CA LEU A 601 30.04 -1.21 -18.14
C LEU A 601 30.23 -1.95 -16.81
N VAL A 602 29.18 -2.57 -16.28
CA VAL A 602 29.28 -3.33 -15.05
C VAL A 602 28.92 -4.79 -15.33
N ASP A 603 27.72 -5.01 -15.86
CA ASP A 603 27.25 -6.34 -16.24
C ASP A 603 27.18 -6.44 -17.75
N SER A 604 27.52 -7.62 -18.27
CA SER A 604 27.56 -7.82 -19.72
C SER A 604 26.17 -7.85 -20.35
N ASP A 605 25.12 -8.05 -19.55
CA ASP A 605 23.77 -8.21 -20.10
C ASP A 605 22.74 -7.28 -19.49
N LYS A 606 23.13 -6.35 -18.60
CA LYS A 606 22.16 -5.54 -17.90
C LYS A 606 22.68 -4.10 -17.77
N GLY A 607 21.73 -3.17 -17.70
CA GLY A 607 22.02 -1.77 -17.47
C GLY A 607 21.86 -1.38 -16.02
N ILE A 608 21.63 -0.08 -15.79
CA ILE A 608 21.51 0.46 -14.45
C ILE A 608 20.33 1.41 -14.40
N SER A 609 19.54 1.32 -13.33
CA SER A 609 18.41 2.20 -13.09
C SER A 609 18.52 2.78 -11.68
N LEU A 610 17.59 3.67 -11.35
CA LEU A 610 17.57 4.33 -10.05
C LEU A 610 16.50 3.71 -9.16
N ARG A 611 16.84 3.55 -7.88
CA ARG A 611 15.91 3.06 -6.88
C ARG A 611 15.31 4.25 -6.14
N PHE A 612 13.98 4.30 -6.11
CA PHE A 612 13.23 5.41 -5.53
C PHE A 612 13.66 6.76 -6.10
N PRO A 613 13.49 6.98 -7.41
CA PRO A 613 13.85 8.28 -7.98
C PRO A 613 12.79 9.33 -7.69
N ARG A 614 13.24 10.55 -7.44
CA ARG A 614 12.34 11.67 -7.20
C ARG A 614 12.95 12.94 -7.74
N PHE A 615 12.08 13.84 -8.21
CA PHE A 615 12.50 15.11 -8.78
C PHE A 615 12.91 16.09 -7.69
N ILE A 616 13.90 16.92 -8.01
CA ILE A 616 14.43 17.88 -7.05
C ILE A 616 14.33 19.30 -7.61
N ARG A 617 14.94 19.53 -8.78
CA ARG A 617 15.04 20.88 -9.31
C ARG A 617 15.44 20.81 -10.78
N VAL A 618 14.94 21.77 -11.55
CA VAL A 618 15.32 21.91 -12.96
C VAL A 618 16.68 22.59 -13.03
N ARG A 619 17.56 22.05 -13.87
CA ARG A 619 18.90 22.61 -14.10
C ARG A 619 18.87 23.32 -15.45
N GLU A 620 18.42 24.59 -15.45
CA GLU A 620 18.32 25.35 -16.69
C GLU A 620 19.68 25.75 -17.24
N ASP A 621 20.71 25.85 -16.39
CA ASP A 621 22.04 26.18 -16.88
C ASP A 621 22.64 25.01 -17.64
N LYS A 622 22.49 23.79 -17.11
CA LYS A 622 23.03 22.62 -17.76
C LYS A 622 22.27 22.29 -19.04
N GLN A 623 23.00 21.79 -20.02
CA GLN A 623 22.45 21.37 -21.31
C GLN A 623 22.59 19.86 -21.46
N PRO A 624 21.86 19.25 -22.41
CA PRO A 624 21.92 17.78 -22.53
C PRO A 624 23.32 17.18 -22.59
N GLU A 625 24.26 17.85 -23.28
CA GLU A 625 25.63 17.36 -23.31
C GLU A 625 26.30 17.46 -21.94
N GLN A 626 25.93 18.48 -21.16
CA GLN A 626 26.44 18.62 -19.79
C GLN A 626 25.46 17.94 -18.85
N ALA A 627 25.57 16.62 -18.76
CA ALA A 627 24.70 15.82 -17.90
C ALA A 627 25.48 14.63 -17.38
N THR A 628 24.87 13.93 -16.43
CA THR A 628 25.50 12.75 -15.84
C THR A 628 25.75 11.69 -16.89
N THR A 629 27.01 11.32 -17.08
CA THR A 629 27.37 10.34 -18.10
C THR A 629 27.05 8.93 -17.63
N SER A 630 26.93 8.02 -18.60
CA SER A 630 26.77 6.61 -18.27
C SER A 630 27.99 6.06 -17.56
N ALA A 631 29.18 6.57 -17.88
CA ALA A 631 30.38 6.21 -17.13
C ALA A 631 30.29 6.68 -15.68
N GLN A 632 29.76 7.89 -15.47
CA GLN A 632 29.52 8.35 -14.11
C GLN A 632 28.50 7.47 -13.40
N VAL A 633 27.46 7.06 -14.11
CA VAL A 633 26.43 6.20 -13.52
C VAL A 633 27.04 4.86 -13.13
N ALA A 634 27.90 4.30 -14.00
CA ALA A 634 28.56 3.05 -13.67
C ALA A 634 29.50 3.20 -12.48
N CYS A 635 30.12 4.38 -12.33
CA CYS A 635 31.01 4.61 -11.19
C CYS A 635 30.24 4.61 -9.88
N LEU A 636 29.05 5.23 -9.88
CA LEU A 636 28.25 5.27 -8.65
C LEU A 636 27.76 3.89 -8.23
N TYR A 637 27.55 3.00 -9.19
CA TYR A 637 27.07 1.66 -8.85
C TYR A 637 28.15 0.87 -8.10
N ARG A 638 29.37 0.83 -8.63
CA ARG A 638 30.44 0.11 -7.96
C ARG A 638 30.91 0.81 -6.69
N LYS A 639 30.65 2.12 -6.56
CA LYS A 639 31.00 2.84 -5.35
C LYS A 639 30.07 2.49 -4.19
N GLN A 640 28.86 2.02 -4.49
CA GLN A 640 27.90 1.69 -3.45
C GLN A 640 28.46 0.63 -2.51
N SER A 641 28.00 0.68 -1.25
CA SER A 641 28.55 -0.19 -0.22
C SER A 641 28.14 -1.65 -0.44
N GLN A 642 26.84 -1.89 -0.64
CA GLN A 642 26.36 -3.25 -0.85
C GLN A 642 27.05 -3.92 -2.04
N ILE A 643 27.47 -3.12 -3.03
CA ILE A 643 28.22 -3.68 -4.14
C ILE A 643 29.70 -3.81 -3.79
N GLN A 644 30.23 -2.90 -2.96
CA GLN A 644 31.63 -2.97 -2.58
C GLN A 644 31.91 -4.14 -1.64
N ASN A 645 30.98 -4.41 -0.72
CA ASN A 645 31.14 -5.54 0.19
C ASN A 645 31.06 -6.88 -0.51
N GLN A 646 30.57 -6.94 -1.75
CA GLN A 646 30.48 -8.18 -2.50
C GLN A 646 31.85 -8.62 -3.00
#